data_7AYN
#
_entry.id   7AYN
#
_cell.length_a   54.652
_cell.length_b   32.926
_cell.length_c   177.442
_cell.angle_alpha   90.000
_cell.angle_beta   96.560
_cell.angle_gamma   90.000
#
_symmetry.space_group_name_H-M   'P 1 21 1'
#
loop_
_entity.id
_entity.type
_entity.pdbx_description
1 polymer 'Type 1 fimbrin D-mannose specific adhesin'
2 non-polymer 'methyl 3-[3-chloranyl-4-[(2~{R},3~{S},4~{S},5~{S},6~{R})-6-(hydroxymethyl)-3,4,5-tris(oxidanyl)oxan-2-yl]oxy-phenyl]benzoate'
3 non-polymer 1,2-ETHANEDIOL
4 water water
#
_entity_poly.entity_id   1
_entity_poly.type   'polypeptide(L)'
_entity_poly.pdbx_seq_one_letter_code
;FACKTANGTAIPIGGGSANVYVNLAPVVNVGQNLVVDLSTQIFCHNDYPETITDYVTLQRGSAYGGVLSNFSGTVKYSGS
SYPFPTTSETPRVVYNSATDKPWPVALYLTPVSSAGGVAIKAGSLIAVLILRQTNNYNSDDFQFVWNIYANNDVVVPT
;
_entity_poly.pdbx_strand_id   A,B,C,D
#
loop_
_chem_comp.id
_chem_comp.type
_chem_comp.name
_chem_comp.formula
EDO non-polymer 1,2-ETHANEDIOL 'C2 H6 O2'
SBQ non-polymer 'methyl 3-[3-chloranyl-4-[(2~{R},3~{S},4~{S},5~{S},6~{R})-6-(hydroxymethyl)-3,4,5-tris(oxidanyl)oxan-2-yl]oxy-phenyl]benzoate' 'C20 H21 Cl O8'
#
# COMPACT_ATOMS: atom_id res chain seq x y z
N PHE A 1 20.71 -19.36 21.66
CA PHE A 1 21.73 -20.36 21.23
C PHE A 1 21.14 -21.28 20.22
N ALA A 2 21.81 -21.41 19.09
CA ALA A 2 21.35 -22.26 18.01
C ALA A 2 22.55 -22.76 17.25
N CYS A 3 22.32 -23.82 16.46
CA CYS A 3 23.42 -24.53 15.82
C CYS A 3 23.05 -24.92 14.41
N LYS A 4 24.06 -25.28 13.63
CA LYS A 4 23.79 -25.72 12.29
C LYS A 4 24.88 -26.66 11.86
N THR A 5 24.59 -27.35 10.76
CA THR A 5 25.61 -28.15 10.13
C THR A 5 26.30 -27.34 9.00
N ALA A 6 27.35 -27.92 8.44
CA ALA A 6 28.13 -27.24 7.41
C ALA A 6 27.31 -27.02 6.18
N ASN A 7 26.24 -27.79 5.96
CA ASN A 7 25.40 -27.52 4.83
C ASN A 7 24.22 -26.61 5.15
N GLY A 8 24.18 -26.03 6.34
CA GLY A 8 23.17 -25.06 6.67
C GLY A 8 21.95 -25.60 7.37
N THR A 9 21.87 -26.92 7.61
CA THR A 9 20.75 -27.46 8.35
C THR A 9 20.84 -27.00 9.79
N ALA A 10 19.78 -26.38 10.27
CA ALA A 10 19.83 -25.70 11.55
C ALA A 10 19.00 -26.43 12.59
N ILE A 11 19.40 -26.23 13.81
CA ILE A 11 18.61 -26.57 14.98
C ILE A 11 18.41 -25.28 15.74
N PRO A 12 17.17 -24.85 15.99
CA PRO A 12 16.91 -23.51 16.53
C PRO A 12 17.03 -23.47 18.05
N ILE A 13 16.87 -22.27 18.58
CA ILE A 13 16.71 -22.02 20.00
C ILE A 13 15.77 -23.08 20.55
N GLY A 14 16.16 -23.71 21.67
CA GLY A 14 15.39 -24.73 22.32
C GLY A 14 15.81 -26.13 21.97
N GLY A 15 16.64 -26.30 20.98
CA GLY A 15 17.14 -27.60 20.64
C GLY A 15 16.29 -28.30 19.59
N GLY A 16 16.66 -29.54 19.39
CA GLY A 16 16.13 -30.34 18.31
C GLY A 16 17.17 -31.31 17.79
N SER A 17 17.01 -31.73 16.54
N SER A 17 16.98 -31.73 16.54
CA SER A 17 17.88 -32.73 15.98
CA SER A 17 17.83 -32.75 15.94
C SER A 17 18.17 -32.46 14.51
C SER A 17 18.21 -32.38 14.50
N ALA A 18 19.30 -32.98 14.05
CA ALA A 18 19.72 -32.83 12.67
C ALA A 18 20.66 -33.96 12.31
N ASN A 19 20.72 -34.22 11.01
CA ASN A 19 21.62 -35.21 10.47
C ASN A 19 22.89 -34.51 10.00
N VAL A 20 24.01 -35.18 10.19
CA VAL A 20 25.32 -34.73 9.78
C VAL A 20 25.92 -35.86 8.95
N TYR A 21 26.45 -35.53 7.79
CA TYR A 21 26.92 -36.49 6.82
C TYR A 21 28.41 -36.26 6.66
N VAL A 22 29.21 -37.29 6.94
CA VAL A 22 30.66 -37.15 7.04
C VAL A 22 31.37 -38.06 6.06
N ASN A 23 32.41 -37.52 5.42
CA ASN A 23 33.34 -38.31 4.65
C ASN A 23 34.31 -38.98 5.59
N LEU A 24 34.63 -40.22 5.28
CA LEU A 24 35.50 -41.00 6.13
C LEU A 24 36.66 -41.60 5.33
N ALA A 25 37.82 -41.71 5.97
CA ALA A 25 38.94 -42.37 5.31
C ALA A 25 38.47 -43.73 4.81
N PRO A 26 38.73 -44.07 3.55
CA PRO A 26 38.13 -45.31 3.01
C PRO A 26 38.77 -46.60 3.44
N VAL A 27 40.01 -46.57 3.89
CA VAL A 27 40.75 -47.76 4.29
C VAL A 27 41.43 -47.45 5.62
N VAL A 28 41.17 -48.28 6.62
CA VAL A 28 41.77 -48.14 7.94
C VAL A 28 42.22 -49.53 8.36
N ASN A 29 43.51 -49.73 8.53
CA ASN A 29 43.97 -51.03 8.95
C ASN A 29 43.80 -51.17 10.44
N VAL A 30 43.77 -52.43 10.90
CA VAL A 30 43.86 -52.66 12.32
C VAL A 30 45.14 -51.98 12.82
N GLY A 31 45.00 -51.22 13.88
CA GLY A 31 46.10 -50.47 14.45
C GLY A 31 46.15 -49.03 14.03
N GLN A 32 45.33 -48.62 13.07
CA GLN A 32 45.26 -47.24 12.62
C GLN A 32 44.00 -46.59 13.15
N ASN A 33 44.00 -45.26 13.13
CA ASN A 33 42.85 -44.51 13.59
C ASN A 33 42.04 -43.96 12.42
N LEU A 34 40.73 -44.07 12.55
CA LEU A 34 39.76 -43.35 11.75
C LEU A 34 39.30 -42.14 12.54
N VAL A 35 39.50 -40.97 11.99
CA VAL A 35 39.13 -39.72 12.64
C VAL A 35 37.82 -39.23 12.05
N VAL A 36 36.87 -38.92 12.90
CA VAL A 36 35.62 -38.34 12.47
C VAL A 36 35.56 -36.96 13.12
N ASP A 37 35.97 -35.94 12.38
CA ASP A 37 36.11 -34.60 12.96
C ASP A 37 34.79 -33.85 12.74
N LEU A 38 34.02 -33.69 13.81
CA LEU A 38 32.76 -33.00 13.69
C LEU A 38 32.92 -31.50 13.80
N SER A 39 34.10 -31.03 14.17
CA SER A 39 34.29 -29.60 14.33
C SER A 39 34.26 -28.85 13.04
N THR A 40 34.35 -29.55 11.92
CA THR A 40 34.19 -28.92 10.61
C THR A 40 32.78 -29.09 10.11
N GLN A 41 31.90 -29.71 10.89
CA GLN A 41 30.57 -30.05 10.45
C GLN A 41 29.45 -29.44 11.28
N ILE A 42 29.72 -29.06 12.51
CA ILE A 42 28.70 -28.59 13.47
C ILE A 42 29.20 -27.30 14.07
N PHE A 43 28.36 -26.27 13.99
CA PHE A 43 28.70 -24.91 14.40
C PHE A 43 27.58 -24.35 15.24
N CYS A 44 27.94 -23.49 16.18
CA CYS A 44 26.93 -22.94 17.08
C CYS A 44 27.30 -21.53 17.44
N HIS A 45 26.29 -20.81 17.96
CA HIS A 45 26.52 -19.45 18.43
C HIS A 45 25.54 -19.09 19.55
N ASN A 46 25.86 -18.02 20.22
CA ASN A 46 25.08 -17.45 21.33
C ASN A 46 24.29 -16.27 20.77
N ASP A 47 23.01 -16.22 21.06
CA ASP A 47 22.13 -15.19 20.50
C ASP A 47 22.01 -13.92 21.33
N TYR A 48 22.61 -13.84 22.51
CA TYR A 48 22.52 -12.63 23.32
C TYR A 48 23.83 -12.47 24.07
N PRO A 49 24.96 -12.43 23.37
CA PRO A 49 26.24 -12.58 24.06
C PRO A 49 26.64 -11.44 24.98
N GLU A 50 26.10 -10.23 24.80
CA GLU A 50 26.46 -9.16 25.71
C GLU A 50 25.85 -9.36 27.08
N THR A 51 24.85 -10.22 27.21
CA THR A 51 24.21 -10.46 28.50
C THR A 51 24.30 -11.89 28.95
N ILE A 52 24.21 -12.85 28.06
CA ILE A 52 24.11 -14.25 28.42
C ILE A 52 25.37 -14.94 27.97
N THR A 53 25.88 -15.84 28.79
CA THR A 53 26.90 -16.80 28.36
C THR A 53 26.30 -18.19 28.31
N ASP A 54 26.59 -18.90 27.24
CA ASP A 54 26.12 -20.27 27.03
C ASP A 54 27.24 -21.26 27.35
N TYR A 55 26.85 -22.36 27.94
CA TYR A 55 27.76 -23.46 28.33
C TYR A 55 27.30 -24.73 27.65
N VAL A 56 28.22 -25.41 27.00
CA VAL A 56 27.89 -26.50 26.11
C VAL A 56 28.73 -27.71 26.40
N THR A 57 28.08 -28.83 26.62
CA THR A 57 28.79 -30.08 26.87
C THR A 57 28.39 -31.11 25.80
N LEU A 58 29.21 -32.15 25.68
CA LEU A 58 28.78 -33.39 25.03
C LEU A 58 28.17 -34.20 26.16
N GLN A 59 26.83 -34.30 26.16
CA GLN A 59 26.16 -34.95 27.27
C GLN A 59 26.37 -36.45 27.20
N ARG A 60 26.24 -36.98 26.01
CA ARG A 60 26.45 -38.40 25.77
C ARG A 60 26.61 -38.61 24.28
N GLY A 61 27.32 -39.67 23.96
CA GLY A 61 27.55 -40.07 22.60
C GLY A 61 27.47 -41.57 22.47
N SER A 62 26.70 -42.04 21.50
CA SER A 62 26.46 -43.45 21.28
C SER A 62 26.97 -43.82 19.89
N ALA A 63 27.44 -45.06 19.77
CA ALA A 63 27.89 -45.63 18.51
C ALA A 63 26.79 -46.52 17.94
N TYR A 64 26.78 -46.61 16.61
CA TYR A 64 25.78 -47.41 15.93
C TYR A 64 26.44 -48.16 14.78
N GLY A 65 25.75 -49.18 14.30
CA GLY A 65 26.13 -49.84 13.07
C GLY A 65 27.53 -50.37 13.13
N GLY A 66 28.29 -50.09 12.07
CA GLY A 66 29.62 -50.61 11.96
C GLY A 66 30.58 -50.03 12.97
N VAL A 67 30.34 -48.81 13.43
CA VAL A 67 31.21 -48.25 14.46
C VAL A 67 31.01 -49.00 15.75
N LEU A 68 29.75 -49.30 16.07
CA LEU A 68 29.46 -50.05 17.28
C LEU A 68 30.05 -51.45 17.23
N SER A 69 29.99 -52.11 16.09
CA SER A 69 30.41 -53.50 16.02
CA SER A 69 30.41 -53.50 16.00
C SER A 69 31.90 -53.66 15.73
N ASN A 70 32.54 -52.72 15.03
CA ASN A 70 33.85 -52.96 14.44
C ASN A 70 34.97 -52.06 14.94
N PHE A 71 34.68 -51.09 15.83
CA PHE A 71 35.66 -50.10 16.28
C PHE A 71 35.59 -49.93 17.79
N SER A 72 36.70 -49.55 18.37
CA SER A 72 36.73 -48.97 19.70
C SER A 72 37.28 -47.57 19.58
N GLY A 73 37.07 -46.75 20.59
CA GLY A 73 37.50 -45.39 20.36
C GLY A 73 37.35 -44.47 21.52
N THR A 74 37.67 -43.24 21.22
CA THR A 74 37.58 -42.15 22.16
C THR A 74 36.92 -40.99 21.44
N VAL A 75 36.46 -40.04 22.24
CA VAL A 75 35.96 -38.78 21.74
C VAL A 75 36.84 -37.70 22.34
N LYS A 76 37.27 -36.78 21.51
CA LYS A 76 38.02 -35.64 21.97
C LYS A 76 37.09 -34.45 21.97
N TYR A 77 36.97 -33.80 23.12
CA TYR A 77 36.09 -32.66 23.26
C TYR A 77 36.92 -31.53 23.81
N SER A 78 37.05 -30.47 23.02
CA SER A 78 37.83 -29.32 23.41
C SER A 78 39.20 -29.71 23.96
N GLY A 79 39.87 -30.62 23.28
CA GLY A 79 41.23 -30.95 23.64
C GLY A 79 41.44 -32.11 24.60
N SER A 80 40.40 -32.56 25.31
CA SER A 80 40.54 -33.68 26.24
C SER A 80 39.83 -34.90 25.67
N SER A 81 40.38 -36.07 25.95
CA SER A 81 39.87 -37.33 25.46
C SER A 81 39.07 -38.10 26.51
N TYR A 82 37.99 -38.74 26.06
CA TYR A 82 37.09 -39.53 26.89
C TYR A 82 36.74 -40.80 26.13
N PRO A 83 36.30 -41.83 26.83
CA PRO A 83 35.78 -43.03 26.16
C PRO A 83 34.60 -42.70 25.24
N PHE A 84 34.54 -43.44 24.11
CA PHE A 84 33.42 -43.37 23.18
C PHE A 84 33.09 -44.80 22.78
N PRO A 85 31.82 -45.24 22.94
CA PRO A 85 30.66 -44.55 23.50
C PRO A 85 30.93 -44.04 24.90
N THR A 86 30.24 -42.97 25.22
CA THR A 86 30.58 -42.18 26.39
C THR A 86 30.08 -42.83 27.66
N THR A 87 30.75 -42.45 28.75
CA THR A 87 30.43 -42.95 30.08
C THR A 87 30.22 -41.82 31.09
N SER A 88 30.23 -40.58 30.65
CA SER A 88 30.01 -39.43 31.52
C SER A 88 29.69 -38.28 30.59
N GLU A 89 29.25 -37.16 31.14
CA GLU A 89 29.07 -35.89 30.45
C GLU A 89 30.40 -35.13 30.54
N THR A 90 30.79 -34.47 29.47
CA THR A 90 32.06 -33.73 29.49
C THR A 90 31.93 -32.43 30.27
N PRO A 91 33.06 -31.79 30.56
CA PRO A 91 33.04 -30.39 30.99
C PRO A 91 32.47 -29.49 29.91
N ARG A 92 32.26 -28.24 30.30
CA ARG A 92 31.67 -27.20 29.45
C ARG A 92 32.67 -26.51 28.55
N VAL A 93 32.19 -26.16 27.37
CA VAL A 93 32.80 -25.16 26.52
C VAL A 93 31.90 -23.95 26.53
N VAL A 94 32.50 -22.78 26.56
CA VAL A 94 31.79 -21.51 26.60
C VAL A 94 31.53 -20.98 25.21
N TYR A 95 30.28 -20.57 24.95
CA TYR A 95 29.90 -19.87 23.73
C TYR A 95 29.50 -18.46 24.15
N ASN A 96 30.27 -17.49 23.72
CA ASN A 96 30.15 -16.10 24.19
C ASN A 96 30.16 -15.14 23.02
N SER A 97 29.77 -15.58 21.84
CA SER A 97 29.79 -14.79 20.63
C SER A 97 28.62 -15.17 19.75
N ALA A 98 28.12 -14.19 18.99
CA ALA A 98 27.13 -14.46 17.97
C ALA A 98 27.73 -15.03 16.70
N THR A 99 29.06 -15.10 16.61
CA THR A 99 29.73 -15.73 15.47
C THR A 99 29.53 -17.25 15.56
N ASP A 100 28.99 -17.88 14.50
CA ASP A 100 28.98 -19.35 14.48
C ASP A 100 30.43 -19.85 14.51
N LYS A 101 30.69 -20.77 15.42
CA LYS A 101 32.02 -21.34 15.65
C LYS A 101 31.89 -22.84 15.81
N PRO A 102 32.97 -23.56 15.63
CA PRO A 102 32.86 -25.01 15.67
C PRO A 102 32.45 -25.55 17.02
N TRP A 103 31.76 -26.66 16.99
CA TRP A 103 31.60 -27.50 18.17
C TRP A 103 32.78 -28.45 18.23
N PRO A 104 33.66 -28.36 19.23
CA PRO A 104 34.99 -28.99 19.12
C PRO A 104 35.00 -30.46 19.53
N VAL A 105 34.36 -31.28 18.68
CA VAL A 105 34.22 -32.70 18.90
C VAL A 105 34.84 -33.48 17.77
N ALA A 106 35.59 -34.53 18.10
CA ALA A 106 36.08 -35.45 17.09
C ALA A 106 36.12 -36.84 17.70
N LEU A 107 35.76 -37.83 16.88
CA LEU A 107 35.85 -39.24 17.26
C LEU A 107 37.15 -39.80 16.73
N TYR A 108 37.82 -40.57 17.55
CA TYR A 108 39.02 -41.30 17.16
C TYR A 108 38.72 -42.78 17.34
N LEU A 109 38.60 -43.48 16.24
CA LEU A 109 38.11 -44.84 16.22
C LEU A 109 39.18 -45.75 15.63
N THR A 110 39.37 -46.87 16.24
CA THR A 110 40.34 -47.82 15.71
C THR A 110 39.67 -49.19 15.58
N PRO A 111 39.99 -49.96 14.55
CA PRO A 111 39.29 -51.23 14.36
C PRO A 111 39.56 -52.21 15.50
N VAL A 112 38.54 -53.02 15.80
CA VAL A 112 38.77 -54.15 16.68
C VAL A 112 39.57 -55.19 15.91
N SER A 113 40.21 -56.08 16.67
CA SER A 113 41.14 -57.03 16.07
C SER A 113 40.46 -57.91 15.04
N SER A 114 39.19 -58.26 15.25
CA SER A 114 38.42 -59.13 14.37
C SER A 114 37.81 -58.40 13.17
N ALA A 115 38.01 -57.10 13.03
CA ALA A 115 37.34 -56.39 11.96
C ALA A 115 37.98 -56.75 10.63
N GLY A 116 37.17 -56.75 9.59
CA GLY A 116 37.66 -57.03 8.24
C GLY A 116 36.58 -56.74 7.22
N GLY A 117 36.99 -56.34 6.00
CA GLY A 117 36.00 -56.02 5.00
C GLY A 117 35.36 -54.67 5.25
N VAL A 118 34.13 -54.51 4.75
CA VAL A 118 33.44 -53.24 4.89
C VAL A 118 32.99 -53.12 6.33
N ALA A 119 33.64 -52.26 7.07
CA ALA A 119 33.41 -52.12 8.49
C ALA A 119 32.42 -51.03 8.82
N ILE A 120 32.27 -50.05 7.95
CA ILE A 120 31.24 -49.03 8.03
C ILE A 120 30.64 -48.91 6.65
N LYS A 121 29.33 -49.09 6.55
CA LYS A 121 28.67 -49.04 5.27
C LYS A 121 28.27 -47.61 4.91
N ALA A 122 28.49 -47.26 3.66
CA ALA A 122 28.06 -45.96 3.19
C ALA A 122 26.60 -45.75 3.47
N GLY A 123 26.29 -44.53 3.92
CA GLY A 123 24.96 -44.12 4.21
C GLY A 123 24.46 -44.49 5.57
N SER A 124 25.20 -45.27 6.34
CA SER A 124 24.69 -45.79 7.59
C SER A 124 24.91 -44.80 8.73
N LEU A 125 24.06 -44.93 9.73
CA LEU A 125 24.23 -44.22 10.98
C LEU A 125 25.41 -44.78 11.73
N ILE A 126 26.31 -43.89 12.14
CA ILE A 126 27.49 -44.30 12.88
C ILE A 126 27.51 -43.81 14.32
N ALA A 127 26.82 -42.73 14.64
CA ALA A 127 26.87 -42.18 15.99
C ALA A 127 25.70 -41.25 16.19
N VAL A 128 25.35 -41.06 17.46
CA VAL A 128 24.43 -40.00 17.86
C VAL A 128 25.11 -39.24 18.98
N LEU A 129 25.27 -37.95 18.81
CA LEU A 129 25.95 -37.11 19.79
C LEU A 129 24.98 -36.07 20.28
N ILE A 130 24.88 -35.94 21.60
CA ILE A 130 23.98 -34.96 22.20
C ILE A 130 24.81 -33.82 22.74
N LEU A 131 24.57 -32.64 22.17
CA LEU A 131 25.11 -31.40 22.65
C LEU A 131 24.07 -30.85 23.64
N ARG A 132 24.51 -30.53 24.83
CA ARG A 132 23.63 -30.01 25.88
C ARG A 132 24.04 -28.58 26.18
N GLN A 133 23.08 -27.66 26.14
CA GLN A 133 23.33 -26.24 26.30
C GLN A 133 22.54 -25.71 27.49
N THR A 134 23.25 -25.00 28.37
CA THR A 134 22.67 -24.25 29.47
C THR A 134 23.26 -22.85 29.40
N ASN A 135 22.93 -22.00 30.36
CA ASN A 135 23.42 -20.64 30.33
C ASN A 135 23.53 -20.10 31.74
N ASN A 136 23.87 -18.82 31.85
CA ASN A 136 23.99 -18.15 33.14
C ASN A 136 22.89 -17.12 33.37
N TYR A 137 21.74 -17.38 32.80
CA TYR A 137 20.62 -16.43 32.78
C TYR A 137 19.32 -17.02 33.28
N ASN A 138 18.98 -18.23 32.87
CA ASN A 138 17.70 -18.85 33.22
C ASN A 138 17.92 -20.33 33.42
N SER A 139 16.85 -21.12 33.48
CA SER A 139 16.96 -22.54 33.75
CA SER A 139 16.97 -22.55 33.75
C SER A 139 17.05 -23.36 32.47
N ASP A 140 17.24 -22.72 31.34
CA ASP A 140 17.25 -23.45 30.09
C ASP A 140 18.26 -24.60 30.10
N ASP A 141 17.83 -25.71 29.54
CA ASP A 141 18.65 -26.93 29.45
C ASP A 141 18.17 -27.68 28.21
N PHE A 142 18.87 -27.48 27.11
CA PHE A 142 18.40 -27.91 25.81
C PHE A 142 19.35 -28.90 25.16
N GLN A 143 18.81 -29.80 24.38
CA GLN A 143 19.61 -30.80 23.66
C GLN A 143 19.55 -30.56 22.18
N PHE A 144 20.72 -30.60 21.57
CA PHE A 144 20.89 -30.54 20.14
C PHE A 144 21.46 -31.89 19.77
N VAL A 145 20.65 -32.71 19.10
CA VAL A 145 20.93 -34.12 18.83
C VAL A 145 21.44 -34.24 17.42
N TRP A 146 22.65 -34.73 17.28
CA TRP A 146 23.33 -34.84 15.99
C TRP A 146 23.41 -36.31 15.63
N ASN A 147 22.73 -36.69 14.55
CA ASN A 147 22.77 -38.05 14.05
C ASN A 147 23.80 -38.07 12.95
N ILE A 148 24.86 -38.84 13.13
CA ILE A 148 26.03 -38.81 12.25
C ILE A 148 25.97 -40.01 11.32
N TYR A 149 26.03 -39.74 10.03
CA TYR A 149 25.95 -40.71 8.96
C TYR A 149 27.23 -40.72 8.13
N ALA A 150 27.65 -41.92 7.73
CA ALA A 150 28.78 -42.08 6.83
C ALA A 150 28.39 -41.78 5.39
N ASN A 151 29.23 -41.02 4.69
CA ASN A 151 29.02 -40.75 3.26
C ASN A 151 29.64 -41.82 2.38
N ASN A 152 30.48 -42.69 2.94
CA ASN A 152 31.18 -43.67 2.13
C ASN A 152 31.53 -44.85 3.02
N ASP A 153 31.86 -45.97 2.37
CA ASP A 153 32.32 -47.16 3.05
C ASP A 153 33.68 -46.91 3.65
N VAL A 154 33.93 -47.58 4.77
CA VAL A 154 35.27 -47.72 5.36
C VAL A 154 35.58 -49.21 5.39
N VAL A 155 36.73 -49.58 4.80
CA VAL A 155 37.18 -50.96 4.74
C VAL A 155 38.35 -51.12 5.70
N VAL A 156 38.33 -52.23 6.44
CA VAL A 156 39.47 -52.70 7.22
C VAL A 156 40.06 -53.87 6.44
N PRO A 157 41.20 -53.70 5.77
CA PRO A 157 41.69 -54.77 4.91
C PRO A 157 41.98 -56.03 5.70
N THR A 158 41.94 -57.14 4.99
CA THR A 158 42.28 -58.44 5.55
C THR A 158 43.54 -58.94 4.84
N PHE B 1 13.06 -13.35 17.52
CA PHE B 1 12.50 -12.94 16.21
C PHE B 1 13.65 -12.55 15.31
N ALA B 2 13.66 -13.16 14.14
CA ALA B 2 14.71 -12.87 13.17
C ALA B 2 14.16 -13.12 11.79
N CYS B 3 14.88 -12.63 10.80
CA CYS B 3 14.38 -12.65 9.44
C CYS B 3 15.48 -13.02 8.47
N LYS B 4 15.07 -13.44 7.29
CA LYS B 4 16.05 -13.74 6.24
C LYS B 4 15.45 -13.54 4.88
N THR B 5 16.32 -13.41 3.90
CA THR B 5 15.88 -13.27 2.54
C THR B 5 15.90 -14.61 1.82
N ALA B 6 15.40 -14.60 0.59
CA ALA B 6 15.24 -15.85 -0.14
C ALA B 6 16.59 -16.52 -0.41
N ASN B 7 17.65 -15.73 -0.51
CA ASN B 7 18.98 -16.24 -0.75
C ASN B 7 19.78 -16.48 0.54
N GLY B 8 19.14 -16.36 1.71
CA GLY B 8 19.77 -16.69 2.98
C GLY B 8 20.40 -15.53 3.73
N THR B 9 20.39 -14.31 3.17
CA THR B 9 20.84 -13.12 3.89
C THR B 9 19.87 -12.85 5.02
N ALA B 10 20.39 -12.60 6.22
CA ALA B 10 19.61 -12.52 7.43
C ALA B 10 19.77 -11.19 8.16
N ILE B 11 18.77 -10.89 8.98
CA ILE B 11 18.90 -9.90 10.04
C ILE B 11 18.59 -10.63 11.35
N PRO B 12 19.47 -10.57 12.33
CA PRO B 12 19.31 -11.38 13.55
C PRO B 12 18.43 -10.69 14.60
N ILE B 13 18.18 -11.47 15.66
CA ILE B 13 17.56 -11.01 16.88
C ILE B 13 18.17 -9.65 17.20
N GLY B 14 17.31 -8.67 17.44
CA GLY B 14 17.73 -7.33 17.76
C GLY B 14 17.69 -6.36 16.61
N GLY B 15 17.45 -6.85 15.40
CA GLY B 15 17.35 -5.97 14.24
C GLY B 15 18.68 -5.73 13.56
N GLY B 16 18.62 -4.81 12.60
CA GLY B 16 19.74 -4.55 11.73
C GLY B 16 19.22 -4.20 10.35
N SER B 17 20.04 -4.47 9.35
CA SER B 17 19.69 -4.11 7.98
C SER B 17 20.24 -5.16 7.04
N ALA B 18 19.60 -5.28 5.88
CA ALA B 18 20.01 -6.24 4.87
C ALA B 18 19.53 -5.78 3.51
N ASN B 19 20.22 -6.25 2.48
CA ASN B 19 19.88 -5.97 1.10
C ASN B 19 19.02 -7.09 0.51
N VAL B 20 18.04 -6.68 -0.27
CA VAL B 20 17.15 -7.61 -0.95
C VAL B 20 17.21 -7.25 -2.43
N TYR B 21 17.46 -8.24 -3.27
CA TYR B 21 17.60 -8.06 -4.72
C TYR B 21 16.42 -8.76 -5.40
N VAL B 22 15.62 -8.00 -6.13
CA VAL B 22 14.32 -8.50 -6.61
C VAL B 22 14.29 -8.44 -8.13
N ASN B 23 13.76 -9.49 -8.74
CA ASN B 23 13.49 -9.44 -10.17
C ASN B 23 12.19 -8.69 -10.41
N LEU B 24 12.21 -7.89 -11.45
CA LEU B 24 11.08 -7.00 -11.76
C LEU B 24 10.65 -7.26 -13.19
N ALA B 25 9.37 -7.08 -13.45
CA ALA B 25 8.91 -7.16 -14.82
C ALA B 25 9.78 -6.26 -15.68
N PRO B 26 10.28 -6.75 -16.82
CA PRO B 26 11.21 -5.95 -17.62
C PRO B 26 10.55 -4.80 -18.37
N VAL B 27 9.24 -4.84 -18.56
CA VAL B 27 8.50 -3.80 -19.27
C VAL B 27 7.23 -3.49 -18.48
N VAL B 28 6.99 -2.21 -18.24
CA VAL B 28 5.79 -1.74 -17.55
C VAL B 28 5.28 -0.54 -18.33
N ASN B 29 4.04 -0.58 -18.76
CA ASN B 29 3.45 0.51 -19.52
C ASN B 29 2.96 1.61 -18.59
N VAL B 30 2.86 2.83 -19.13
CA VAL B 30 2.12 3.87 -18.41
C VAL B 30 0.71 3.36 -18.20
N GLY B 31 0.15 3.61 -17.02
CA GLY B 31 -1.17 3.11 -16.71
C GLY B 31 -1.21 1.73 -16.11
N GLN B 32 -0.08 1.05 -16.03
CA GLN B 32 0.00 -0.30 -15.51
C GLN B 32 0.82 -0.30 -14.23
N ASN B 33 0.60 -1.31 -13.39
CA ASN B 33 1.37 -1.48 -12.16
C ASN B 33 2.52 -2.45 -12.38
N LEU B 34 3.66 -2.06 -11.83
CA LEU B 34 4.80 -2.91 -11.57
C LEU B 34 4.68 -3.39 -10.14
N VAL B 35 4.68 -4.70 -9.95
CA VAL B 35 4.52 -5.30 -8.65
C VAL B 35 5.88 -5.74 -8.14
N VAL B 36 6.22 -5.28 -6.96
CA VAL B 36 7.44 -5.70 -6.27
C VAL B 36 6.98 -6.49 -5.05
N ASP B 37 6.93 -7.82 -5.17
CA ASP B 37 6.34 -8.66 -4.13
C ASP B 37 7.45 -9.13 -3.21
N LEU B 38 7.53 -8.53 -2.04
CA LEU B 38 8.58 -8.93 -1.12
C LEU B 38 8.18 -10.12 -0.27
N SER B 39 6.94 -10.55 -0.33
CA SER B 39 6.51 -11.70 0.47
C SER B 39 7.11 -13.01 -0.04
N THR B 40 7.67 -13.04 -1.22
CA THR B 40 8.40 -14.19 -1.69
C THR B 40 9.89 -14.04 -1.47
N GLN B 41 10.32 -12.94 -0.83
CA GLN B 41 11.72 -12.64 -0.67
C GLN B 41 12.18 -12.45 0.76
N ILE B 42 11.27 -12.15 1.70
CA ILE B 42 11.64 -11.84 3.07
C ILE B 42 10.77 -12.69 3.97
N PHE B 43 11.41 -13.44 4.85
CA PHE B 43 10.73 -14.39 5.72
C PHE B 43 11.20 -14.20 7.14
N CYS B 44 10.28 -14.31 8.07
CA CYS B 44 10.59 -14.06 9.47
C CYS B 44 9.93 -15.12 10.33
N HIS B 45 10.37 -15.19 11.59
CA HIS B 45 9.79 -16.15 12.49
C HIS B 45 10.01 -15.68 13.92
N ASN B 46 9.21 -16.26 14.80
CA ASN B 46 9.23 -16.03 16.24
C ASN B 46 10.05 -17.15 16.87
N ASP B 47 11.00 -16.77 17.71
CA ASP B 47 11.94 -17.70 18.32
C ASP B 47 11.43 -18.33 19.62
N TYR B 48 10.32 -17.88 20.14
CA TYR B 48 9.80 -18.40 21.40
C TYR B 48 8.28 -18.42 21.34
N PRO B 49 7.69 -19.08 20.34
CA PRO B 49 6.26 -18.89 20.06
C PRO B 49 5.30 -19.41 21.12
N GLU B 50 5.70 -20.36 21.95
CA GLU B 50 4.82 -20.84 23.00
C GLU B 50 4.73 -19.87 24.17
N THR B 51 5.62 -18.87 24.26
CA THR B 51 5.59 -17.91 25.36
C THR B 51 5.41 -16.48 24.89
N ILE B 52 5.96 -16.10 23.72
CA ILE B 52 6.01 -14.72 23.26
C ILE B 52 5.20 -14.62 21.99
N THR B 53 4.41 -13.54 21.89
CA THR B 53 3.80 -13.16 20.62
C THR B 53 4.57 -11.96 20.08
N ASP B 54 5.01 -12.05 18.83
CA ASP B 54 5.72 -10.97 18.17
C ASP B 54 4.73 -10.18 17.34
N TYR B 55 4.93 -8.87 17.31
CA TYR B 55 4.10 -7.95 16.56
C TYR B 55 4.98 -7.20 15.58
N VAL B 56 4.56 -7.16 14.33
CA VAL B 56 5.42 -6.70 13.24
C VAL B 56 4.64 -5.73 12.37
N THR B 57 5.18 -4.54 12.19
CA THR B 57 4.57 -3.53 11.36
C THR B 57 5.54 -3.13 10.25
N LEU B 58 4.99 -2.52 9.20
CA LEU B 58 5.76 -1.73 8.26
C LEU B 58 5.76 -0.33 8.83
N GLN B 59 6.89 0.05 9.42
CA GLN B 59 6.97 1.33 10.10
C GLN B 59 7.12 2.47 9.11
N ARG B 60 7.92 2.28 8.06
CA ARG B 60 8.15 3.31 7.06
C ARG B 60 8.60 2.65 5.78
N GLY B 61 8.19 3.23 4.67
CA GLY B 61 8.61 2.80 3.37
C GLY B 61 8.94 4.04 2.58
N SER B 62 10.14 4.06 2.02
CA SER B 62 10.67 5.18 1.27
C SER B 62 11.09 4.71 -0.12
N ALA B 63 10.92 5.59 -1.10
CA ALA B 63 11.31 5.31 -2.47
C ALA B 63 12.66 5.96 -2.81
N TYR B 64 13.40 5.29 -3.70
CA TYR B 64 14.69 5.78 -4.15
C TYR B 64 14.89 5.51 -5.63
N GLY B 65 15.90 6.15 -6.20
CA GLY B 65 16.35 5.85 -7.55
C GLY B 65 15.26 6.05 -8.58
N GLY B 66 15.15 5.08 -9.49
CA GLY B 66 14.17 5.19 -10.55
C GLY B 66 12.75 5.14 -10.04
N VAL B 67 12.53 4.45 -8.92
CA VAL B 67 11.19 4.40 -8.39
C VAL B 67 10.78 5.77 -7.88
N LEU B 68 11.67 6.43 -7.13
CA LEU B 68 11.35 7.79 -6.67
C LEU B 68 11.14 8.74 -7.83
N SER B 69 11.92 8.59 -8.89
CA SER B 69 11.83 9.59 -9.95
C SER B 69 10.73 9.29 -10.96
N ASN B 70 10.39 8.02 -11.17
CA ASN B 70 9.59 7.66 -12.35
C ASN B 70 8.27 6.98 -12.05
N PHE B 71 7.95 6.73 -10.78
CA PHE B 71 6.76 5.97 -10.44
C PHE B 71 6.02 6.64 -9.29
N SER B 72 4.72 6.42 -9.23
CA SER B 72 3.96 6.63 -8.00
C SER B 72 3.43 5.29 -7.57
N GLY B 73 2.94 5.20 -6.34
CA GLY B 73 2.55 3.86 -5.98
C GLY B 73 1.87 3.72 -4.64
N THR B 74 1.63 2.47 -4.31
CA THR B 74 1.06 2.10 -3.05
C THR B 74 1.85 0.92 -2.51
N VAL B 75 1.67 0.67 -1.22
CA VAL B 75 2.23 -0.52 -0.60
C VAL B 75 1.09 -1.32 -0.01
N LYS B 76 1.11 -2.63 -0.26
CA LYS B 76 0.16 -3.55 0.33
C LYS B 76 0.85 -4.26 1.47
N TYR B 77 0.24 -4.23 2.64
CA TYR B 77 0.78 -4.89 3.82
C TYR B 77 -0.33 -5.73 4.40
N SER B 78 -0.12 -7.04 4.39
CA SER B 78 -1.08 -7.99 4.95
C SER B 78 -2.49 -7.74 4.42
N GLY B 79 -2.60 -7.55 3.12
CA GLY B 79 -3.90 -7.48 2.48
C GLY B 79 -4.49 -6.09 2.34
N SER B 80 -3.98 -5.11 3.08
CA SER B 80 -4.50 -3.76 3.02
C SER B 80 -3.50 -2.84 2.33
N SER B 81 -4.00 -1.80 1.69
CA SER B 81 -3.22 -0.91 0.87
CA SER B 81 -3.22 -0.90 0.87
C SER B 81 -3.00 0.43 1.57
N TYR B 82 -1.82 1.00 1.38
CA TYR B 82 -1.42 2.25 2.00
C TYR B 82 -0.64 3.09 1.01
N PRO B 83 -0.62 4.40 1.19
CA PRO B 83 0.23 5.24 0.34
C PRO B 83 1.67 4.81 0.41
N PHE B 84 2.37 4.95 -0.73
CA PHE B 84 3.81 4.72 -0.76
C PHE B 84 4.43 5.86 -1.56
N PRO B 85 5.42 6.58 -1.01
CA PRO B 85 6.05 6.43 0.31
C PRO B 85 5.02 6.56 1.43
N THR B 86 5.32 5.92 2.55
CA THR B 86 4.30 5.75 3.58
C THR B 86 4.10 7.02 4.38
N THR B 87 2.91 7.13 4.98
CA THR B 87 2.57 8.29 5.79
C THR B 87 2.16 7.92 7.19
N SER B 88 2.25 6.65 7.56
CA SER B 88 1.93 6.23 8.91
C SER B 88 2.47 4.81 9.04
N GLU B 89 2.57 4.34 10.28
CA GLU B 89 2.94 2.96 10.54
C GLU B 89 1.70 2.11 10.33
N THR B 90 1.87 0.93 9.75
CA THR B 90 0.73 0.06 9.52
C THR B 90 0.26 -0.60 10.81
N PRO B 91 -0.91 -1.24 10.78
CA PRO B 91 -1.28 -2.15 11.86
C PRO B 91 -0.30 -3.29 11.91
N ARG B 92 -0.35 -4.03 12.99
CA ARG B 92 0.58 -5.11 13.25
C ARG B 92 0.13 -6.42 12.60
N VAL B 93 1.11 -7.21 12.21
CA VAL B 93 0.91 -8.61 11.87
C VAL B 93 1.50 -9.41 13.03
N VAL B 94 0.79 -10.43 13.44
CA VAL B 94 1.25 -11.31 14.52
C VAL B 94 2.13 -12.40 13.94
N TYR B 95 3.29 -12.63 14.56
CA TYR B 95 4.18 -13.76 14.29
C TYR B 95 4.13 -14.65 15.52
N ASN B 96 3.57 -15.83 15.35
CA ASN B 96 3.29 -16.71 16.49
C ASN B 96 3.76 -18.12 16.21
N SER B 97 4.74 -18.25 15.33
CA SER B 97 5.25 -19.56 14.94
C SER B 97 6.75 -19.48 14.68
N ALA B 98 7.43 -20.59 14.96
CA ALA B 98 8.84 -20.68 14.65
C ALA B 98 9.09 -21.01 13.18
N THR B 99 8.05 -21.35 12.43
CA THR B 99 8.13 -21.62 11.01
C THR B 99 8.24 -20.30 10.27
N ASP B 100 9.08 -20.26 9.22
CA ASP B 100 9.21 -19.05 8.42
C ASP B 100 7.86 -18.63 7.89
N LYS B 101 7.56 -17.35 8.03
CA LYS B 101 6.34 -16.73 7.53
CA LYS B 101 6.35 -16.73 7.53
C LYS B 101 6.75 -15.51 6.71
N PRO B 102 6.23 -15.36 5.51
CA PRO B 102 6.59 -14.20 4.70
C PRO B 102 6.25 -12.91 5.42
N TRP B 103 7.09 -11.91 5.16
CA TRP B 103 6.73 -10.56 5.53
C TRP B 103 5.80 -10.05 4.43
N PRO B 104 4.53 -9.79 4.74
CA PRO B 104 3.53 -9.64 3.65
C PRO B 104 3.46 -8.23 3.06
N VAL B 105 4.52 -7.88 2.34
CA VAL B 105 4.69 -6.55 1.76
C VAL B 105 4.79 -6.69 0.25
N ALA B 106 4.09 -5.83 -0.47
CA ALA B 106 4.29 -5.72 -1.91
C ALA B 106 4.11 -4.28 -2.32
N LEU B 107 4.95 -3.80 -3.21
CA LEU B 107 4.81 -2.46 -3.76
C LEU B 107 4.07 -2.56 -5.09
N TYR B 108 3.17 -1.63 -5.32
CA TYR B 108 2.47 -1.49 -6.59
C TYR B 108 2.81 -0.13 -7.15
N LEU B 109 3.62 -0.11 -8.20
CA LEU B 109 4.20 1.12 -8.68
C LEU B 109 3.75 1.34 -10.11
N THR B 110 3.31 2.55 -10.43
CA THR B 110 2.90 2.81 -11.79
C THR B 110 3.64 4.02 -12.34
N PRO B 111 4.03 3.99 -13.61
CA PRO B 111 4.84 5.10 -14.12
C PRO B 111 4.13 6.43 -14.09
N VAL B 112 4.90 7.47 -13.83
CA VAL B 112 4.34 8.81 -13.97
C VAL B 112 4.22 9.13 -15.45
N SER B 113 3.43 10.17 -15.76
CA SER B 113 3.14 10.49 -17.16
C SER B 113 4.40 10.80 -17.96
N SER B 114 5.40 11.42 -17.33
CA SER B 114 6.62 11.77 -18.06
C SER B 114 7.62 10.61 -18.17
N ALA B 115 7.30 9.45 -17.63
CA ALA B 115 8.25 8.34 -17.66
C ALA B 115 8.35 7.75 -19.06
N GLY B 116 9.55 7.28 -19.39
CA GLY B 116 9.79 6.69 -20.69
C GLY B 116 11.19 6.15 -20.72
N GLY B 117 11.40 5.07 -21.46
CA GLY B 117 12.71 4.47 -21.51
C GLY B 117 13.01 3.66 -20.26
N VAL B 118 14.29 3.55 -19.96
CA VAL B 118 14.69 2.78 -18.78
C VAL B 118 14.29 3.61 -17.56
N ALA B 119 13.31 3.09 -16.83
CA ALA B 119 12.79 3.78 -15.66
C ALA B 119 13.40 3.28 -14.36
N ILE B 120 13.93 2.06 -14.33
CA ILE B 120 14.65 1.52 -13.18
C ILE B 120 15.89 0.81 -13.71
N LYS B 121 17.05 1.17 -13.19
CA LYS B 121 18.30 0.53 -13.59
C LYS B 121 18.60 -0.71 -12.77
N ALA B 122 19.07 -1.74 -13.44
CA ALA B 122 19.51 -2.94 -12.74
C ALA B 122 20.56 -2.55 -11.70
N GLY B 123 20.45 -3.13 -10.52
CA GLY B 123 21.40 -2.89 -9.47
C GLY B 123 21.14 -1.67 -8.60
N SER B 124 20.14 -0.84 -8.95
CA SER B 124 19.90 0.40 -8.24
C SER B 124 18.98 0.17 -7.03
N LEU B 125 19.15 1.02 -6.03
CA LEU B 125 18.28 1.02 -4.85
C LEU B 125 16.94 1.59 -5.25
N ILE B 126 15.86 0.85 -4.98
CA ILE B 126 14.53 1.32 -5.32
C ILE B 126 13.68 1.68 -4.10
N ALA B 127 13.98 1.14 -2.92
CA ALA B 127 13.17 1.40 -1.76
C ALA B 127 13.92 0.99 -0.52
N VAL B 128 13.54 1.60 0.60
CA VAL B 128 13.96 1.13 1.92
C VAL B 128 12.70 0.93 2.72
N LEU B 129 12.50 -0.28 3.24
CA LEU B 129 11.32 -0.62 4.01
C LEU B 129 11.78 -1.00 5.40
N ILE B 130 11.15 -0.44 6.41
CA ILE B 130 11.50 -0.69 7.80
C ILE B 130 10.42 -1.54 8.41
N LEU B 131 10.84 -2.73 8.84
CA LEU B 131 10.03 -3.64 9.64
C LEU B 131 10.29 -3.35 11.11
N ARG B 132 9.25 -3.08 11.87
CA ARG B 132 9.40 -2.82 13.29
C ARG B 132 8.79 -3.97 14.05
N GLN B 133 9.55 -4.53 14.99
CA GLN B 133 9.14 -5.71 15.75
C GLN B 133 9.11 -5.40 17.22
N THR B 134 7.98 -5.68 17.83
CA THR B 134 7.76 -5.60 19.27
C THR B 134 7.14 -6.93 19.71
N ASN B 135 6.80 -7.07 20.99
CA ASN B 135 6.23 -8.32 21.44
C ASN B 135 5.34 -8.03 22.63
N ASN B 136 4.77 -9.10 23.20
CA ASN B 136 3.93 -8.98 24.37
C ASN B 136 4.66 -9.44 25.63
N TYR B 137 5.99 -9.36 25.64
CA TYR B 137 6.81 -10.00 26.66
C TYR B 137 7.76 -9.06 27.40
N ASN B 138 8.44 -8.21 26.65
CA ASN B 138 9.42 -7.29 27.23
C ASN B 138 9.32 -5.98 26.48
N SER B 139 10.32 -5.11 26.60
CA SER B 139 10.27 -3.79 26.02
CA SER B 139 10.27 -3.79 26.02
C SER B 139 10.94 -3.72 24.64
N ASP B 140 11.26 -4.87 24.06
CA ASP B 140 11.97 -4.89 22.79
C ASP B 140 11.22 -4.10 21.73
N ASP B 141 11.98 -3.34 20.97
CA ASP B 141 11.40 -2.54 19.89
C ASP B 141 12.52 -2.38 18.87
N PHE B 142 12.53 -3.27 17.87
CA PHE B 142 13.66 -3.42 16.98
C PHE B 142 13.28 -3.10 15.54
N GLN B 143 14.20 -2.49 14.84
CA GLN B 143 13.99 -2.19 13.44
C GLN B 143 14.79 -3.14 12.57
N PHE B 144 14.12 -3.69 11.59
CA PHE B 144 14.72 -4.53 10.56
C PHE B 144 14.62 -3.77 9.24
N VAL B 145 15.73 -3.29 8.75
CA VAL B 145 15.74 -2.35 7.64
C VAL B 145 16.09 -3.11 6.37
N TRP B 146 15.18 -3.07 5.41
CA TRP B 146 15.33 -3.81 4.17
C TRP B 146 15.61 -2.83 3.05
N ASN B 147 16.80 -2.93 2.49
CA ASN B 147 17.19 -2.10 1.35
C ASN B 147 16.92 -2.88 0.08
N ILE B 148 16.01 -2.36 -0.75
CA ILE B 148 15.50 -3.10 -1.90
C ILE B 148 16.19 -2.62 -3.16
N TYR B 149 16.82 -3.56 -3.87
CA TYR B 149 17.55 -3.31 -5.10
C TYR B 149 16.92 -4.08 -6.26
N ALA B 150 16.88 -3.45 -7.42
CA ALA B 150 16.39 -4.10 -8.61
C ALA B 150 17.50 -4.98 -9.19
N ASN B 151 17.13 -6.20 -9.59
CA ASN B 151 18.06 -7.09 -10.30
C ASN B 151 18.13 -6.84 -11.78
N ASN B 152 17.20 -6.10 -12.36
CA ASN B 152 17.18 -5.95 -13.79
C ASN B 152 16.57 -4.60 -14.13
N ASP B 153 16.82 -4.16 -15.36
CA ASP B 153 16.24 -2.94 -15.85
C ASP B 153 14.75 -3.12 -16.02
N VAL B 154 14.01 -2.05 -15.83
CA VAL B 154 12.59 -1.98 -16.16
C VAL B 154 12.43 -0.86 -17.16
N VAL B 155 11.79 -1.17 -18.30
CA VAL B 155 11.60 -0.21 -19.37
C VAL B 155 10.14 0.21 -19.43
N VAL B 156 9.91 1.51 -19.62
CA VAL B 156 8.59 2.08 -19.89
C VAL B 156 8.52 2.48 -21.37
N PRO B 157 7.70 1.83 -22.18
CA PRO B 157 7.66 2.17 -23.61
C PRO B 157 7.18 3.60 -23.83
N THR B 158 7.63 4.21 -24.92
CA THR B 158 7.17 5.55 -25.30
C THR B 158 6.49 5.55 -26.67
N PHE C 1 -13.59 10.25 -11.90
CA PHE C 1 -14.34 9.94 -10.66
C PHE C 1 -14.10 11.07 -9.67
N ALA C 2 -15.18 11.60 -9.12
CA ALA C 2 -15.06 12.68 -8.15
C ALA C 2 -16.27 12.64 -7.26
N CYS C 3 -16.17 13.35 -6.15
CA CYS C 3 -17.19 13.27 -5.11
C CYS C 3 -17.48 14.64 -4.58
N LYS C 4 -18.63 14.73 -3.93
CA LYS C 4 -19.01 16.00 -3.31
C LYS C 4 -19.91 15.73 -2.12
N THR C 5 -19.97 16.71 -1.22
CA THR C 5 -20.87 16.60 -0.10
C THR C 5 -22.16 17.33 -0.38
N ALA C 6 -23.10 17.16 0.54
CA ALA C 6 -24.45 17.70 0.33
C ALA C 6 -24.45 19.22 0.21
N ASN C 7 -23.48 19.90 0.81
CA ASN C 7 -23.39 21.35 0.72
C ASN C 7 -22.43 21.84 -0.37
N GLY C 8 -21.92 20.95 -1.20
CA GLY C 8 -21.05 21.35 -2.30
C GLY C 8 -19.57 21.27 -2.05
N THR C 9 -19.13 20.85 -0.86
CA THR C 9 -17.72 20.56 -0.63
C THR C 9 -17.36 19.33 -1.44
N ALA C 10 -16.29 19.42 -2.21
CA ALA C 10 -15.94 18.40 -3.19
C ALA C 10 -14.50 17.93 -2.99
N ILE C 11 -14.26 16.74 -3.51
CA ILE C 11 -12.93 16.20 -3.69
C ILE C 11 -12.84 15.84 -5.17
N PRO C 12 -11.89 16.38 -5.90
CA PRO C 12 -11.85 16.19 -7.35
C PRO C 12 -11.19 14.90 -7.77
N ILE C 13 -11.19 14.67 -9.09
CA ILE C 13 -10.41 13.61 -9.71
C ILE C 13 -9.03 13.56 -9.08
N GLY C 14 -8.60 12.36 -8.68
CA GLY C 14 -7.30 12.19 -8.08
C GLY C 14 -7.32 12.11 -6.56
N GLY C 15 -8.46 12.37 -5.96
CA GLY C 15 -8.57 12.26 -4.52
C GLY C 15 -8.19 13.52 -3.80
N GLY C 16 -8.15 13.39 -2.48
CA GLY C 16 -7.96 14.51 -1.60
C GLY C 16 -8.75 14.28 -0.33
N SER C 17 -9.07 15.37 0.33
CA SER C 17 -9.77 15.31 1.59
C SER C 17 -10.78 16.43 1.71
N ALA C 18 -11.78 16.20 2.57
CA ALA C 18 -12.82 17.18 2.80
C ALA C 18 -13.47 16.89 4.13
N ASN C 19 -14.05 17.95 4.70
CA ASN C 19 -14.79 17.89 5.93
C ASN C 19 -16.28 17.71 5.66
N VAL C 20 -16.92 16.90 6.51
CA VAL C 20 -18.34 16.64 6.47
C VAL C 20 -18.84 16.93 7.88
N TYR C 21 -19.86 17.75 7.97
CA TYR C 21 -20.41 18.20 9.24
C TYR C 21 -21.79 17.57 9.33
N VAL C 22 -22.01 16.81 10.39
CA VAL C 22 -23.23 16.02 10.51
C VAL C 22 -24.00 16.44 11.75
N ASN C 23 -25.33 16.54 11.59
CA ASN C 23 -26.20 16.67 12.73
C ASN C 23 -26.39 15.29 13.34
N LEU C 24 -26.37 15.23 14.66
CA LEU C 24 -26.47 13.98 15.40
C LEU C 24 -27.63 14.07 16.37
N ALA C 25 -28.29 12.95 16.60
CA ALA C 25 -29.32 12.92 17.62
C ALA C 25 -28.76 13.49 18.92
N PRO C 26 -29.44 14.42 19.57
CA PRO C 26 -28.83 15.10 20.73
C PRO C 26 -28.75 14.25 21.97
N VAL C 27 -29.57 13.21 22.06
CA VAL C 27 -29.60 12.32 23.20
C VAL C 27 -29.67 10.91 22.66
N VAL C 28 -28.76 10.07 23.12
CA VAL C 28 -28.72 8.67 22.75
C VAL C 28 -28.55 7.86 24.02
N ASN C 29 -29.51 6.99 24.30
CA ASN C 29 -29.42 6.20 25.51
C ASN C 29 -28.54 4.97 25.26
N VAL C 30 -28.03 4.43 26.36
CA VAL C 30 -27.42 3.12 26.27
C VAL C 30 -28.48 2.20 25.68
N GLY C 31 -28.08 1.43 24.68
CA GLY C 31 -29.00 0.56 23.98
C GLY C 31 -29.59 1.13 22.71
N GLN C 32 -29.38 2.40 22.42
CA GLN C 32 -29.91 2.96 21.19
C GLN C 32 -28.73 3.15 20.23
N ASN C 33 -29.04 3.23 18.96
CA ASN C 33 -28.03 3.48 17.96
C ASN C 33 -28.07 4.95 17.60
N LEU C 34 -26.89 5.55 17.55
CA LEU C 34 -26.70 6.83 16.92
C LEU C 34 -26.30 6.49 15.49
N VAL C 35 -27.10 6.92 14.54
CA VAL C 35 -26.88 6.60 13.13
C VAL C 35 -26.29 7.82 12.47
N VAL C 36 -25.14 7.64 11.84
CA VAL C 36 -24.51 8.68 11.05
C VAL C 36 -24.58 8.18 9.61
N ASP C 37 -25.60 8.63 8.88
CA ASP C 37 -25.87 8.10 7.56
C ASP C 37 -25.17 9.01 6.55
N LEU C 38 -24.00 8.58 6.08
CA LEU C 38 -23.26 9.41 5.13
C LEU C 38 -23.77 9.26 3.72
N SER C 39 -24.66 8.31 3.48
CA SER C 39 -25.20 8.11 2.13
C SER C 39 -26.11 9.26 1.72
N THR C 40 -26.54 10.09 2.66
CA THR C 40 -27.27 11.29 2.33
C THR C 40 -26.38 12.52 2.31
N GLN C 41 -25.06 12.36 2.49
CA GLN C 41 -24.14 13.46 2.63
C GLN C 41 -23.00 13.44 1.62
N ILE C 42 -22.66 12.28 1.05
CA ILE C 42 -21.50 12.11 0.17
C ILE C 42 -21.99 11.42 -1.11
N PHE C 43 -21.70 12.04 -2.26
CA PHE C 43 -22.18 11.55 -3.54
C PHE C 43 -21.02 11.56 -4.51
N CYS C 44 -20.96 10.54 -5.36
CA CYS C 44 -19.85 10.40 -6.29
C CYS C 44 -20.38 9.95 -7.63
N HIS C 45 -19.53 10.07 -8.65
CA HIS C 45 -19.92 9.66 -9.98
C HIS C 45 -18.67 9.31 -10.77
N ASN C 46 -18.90 8.60 -11.86
CA ASN C 46 -17.90 8.16 -12.81
C ASN C 46 -17.91 9.13 -14.00
N ASP C 47 -16.73 9.62 -14.38
CA ASP C 47 -16.54 10.63 -15.41
C ASP C 47 -16.40 10.05 -16.81
N TYR C 48 -16.32 8.75 -16.98
CA TYR C 48 -16.19 8.17 -18.29
C TYR C 48 -16.95 6.86 -18.33
N PRO C 49 -18.25 6.87 -18.03
CA PRO C 49 -18.95 5.61 -17.74
C PRO C 49 -19.11 4.67 -18.91
N GLU C 50 -19.02 5.14 -20.16
CA GLU C 50 -19.15 4.21 -21.27
C GLU C 50 -17.90 3.38 -21.48
N THR C 51 -16.77 3.78 -20.90
CA THR C 51 -15.51 3.07 -21.09
C THR C 51 -14.90 2.54 -19.80
N ILE C 52 -15.04 3.26 -18.71
CA ILE C 52 -14.36 2.93 -17.47
C ILE C 52 -15.40 2.51 -16.43
N THR C 53 -15.08 1.46 -15.71
CA THR C 53 -15.85 1.08 -14.54
C THR C 53 -15.02 1.45 -13.32
N ASP C 54 -15.63 2.22 -12.42
CA ASP C 54 -14.97 2.63 -11.20
C ASP C 54 -15.39 1.72 -10.06
N TYR C 55 -14.44 1.42 -9.21
CA TYR C 55 -14.65 0.52 -8.09
C TYR C 55 -14.30 1.27 -6.81
N VAL C 56 -15.20 1.22 -5.84
CA VAL C 56 -15.10 2.08 -4.67
C VAL C 56 -15.29 1.28 -3.39
N THR C 57 -14.37 1.41 -2.45
CA THR C 57 -14.50 0.74 -1.16
C THR C 57 -14.43 1.76 -0.03
N LEU C 58 -14.91 1.34 1.14
CA LEU C 58 -14.52 1.98 2.38
C LEU C 58 -13.22 1.28 2.74
N GLN C 59 -12.11 1.98 2.54
CA GLN C 59 -10.81 1.36 2.75
C GLN C 59 -10.50 1.20 4.23
N ARG C 60 -10.80 2.22 4.99
CA ARG C 60 -10.55 2.24 6.42
C ARG C 60 -11.46 3.29 7.02
N GLY C 61 -11.88 3.03 8.23
CA GLY C 61 -12.66 4.00 8.97
C GLY C 61 -12.15 4.02 10.40
N SER C 62 -11.83 5.19 10.89
CA SER C 62 -11.29 5.37 12.21
C SER C 62 -12.18 6.27 13.03
N ALA C 63 -12.24 6.00 14.33
CA ALA C 63 -13.01 6.79 15.27
C ALA C 63 -12.10 7.73 16.06
N TYR C 64 -12.66 8.86 16.49
CA TYR C 64 -11.91 9.84 17.26
C TYR C 64 -12.77 10.44 18.37
N GLY C 65 -12.07 11.04 19.32
CA GLY C 65 -12.72 11.83 20.34
C GLY C 65 -13.74 11.01 21.10
N GLY C 66 -14.93 11.58 21.23
CA GLY C 66 -15.97 10.94 22.02
C GLY C 66 -16.51 9.65 21.42
N VAL C 67 -16.48 9.54 20.09
CA VAL C 67 -16.94 8.29 19.47
C VAL C 67 -15.97 7.17 19.80
N LEU C 68 -14.69 7.47 19.70
CA LEU C 68 -13.67 6.48 20.02
C LEU C 68 -13.82 5.97 21.45
N SER C 69 -14.13 6.86 22.39
CA SER C 69 -14.09 6.48 23.79
C SER C 69 -15.42 6.01 24.36
N ASN C 70 -16.55 6.44 23.81
CA ASN C 70 -17.86 6.25 24.43
C ASN C 70 -18.80 5.37 23.63
N PHE C 71 -18.41 4.91 22.44
CA PHE C 71 -19.31 4.16 21.60
C PHE C 71 -18.61 2.93 21.07
N SER C 72 -19.40 1.90 20.85
CA SER C 72 -18.96 0.79 20.04
C SER C 72 -19.77 0.83 18.77
N GLY C 73 -19.29 0.18 17.73
CA GLY C 73 -20.11 0.40 16.57
C GLY C 73 -19.77 -0.49 15.42
N THR C 74 -20.58 -0.29 14.40
CA THR C 74 -20.41 -0.98 13.15
C THR C 74 -20.61 0.04 12.07
N VAL C 75 -20.15 -0.33 10.89
CA VAL C 75 -20.36 0.48 9.69
C VAL C 75 -21.10 -0.41 8.72
N LYS C 76 -22.13 0.13 8.11
CA LYS C 76 -22.86 -0.56 7.06
C LYS C 76 -22.37 0.00 5.74
N TYR C 77 -21.92 -0.87 4.84
CA TYR C 77 -21.43 -0.45 3.54
C TYR C 77 -22.20 -1.26 2.51
N SER C 78 -23.01 -0.56 1.72
CA SER C 78 -23.80 -1.20 0.69
C SER C 78 -24.56 -2.41 1.23
N GLY C 79 -25.19 -2.21 2.39
CA GLY C 79 -26.12 -3.19 2.94
C GLY C 79 -25.53 -4.18 3.93
N SER C 80 -24.22 -4.32 3.99
CA SER C 80 -23.56 -5.28 4.86
C SER C 80 -22.84 -4.58 6.00
N SER C 81 -22.79 -5.23 7.15
CA SER C 81 -22.25 -4.63 8.35
C SER C 81 -20.85 -5.15 8.64
N TYR C 82 -20.00 -4.24 9.11
CA TYR C 82 -18.62 -4.53 9.48
C TYR C 82 -18.27 -3.80 10.76
N PRO C 83 -17.25 -4.26 11.49
CA PRO C 83 -16.80 -3.52 12.67
C PRO C 83 -16.36 -2.10 12.32
N PHE C 84 -16.63 -1.21 13.26
CA PHE C 84 -16.17 0.17 13.19
C PHE C 84 -15.62 0.56 14.55
N PRO C 85 -14.37 1.04 14.65
CA PRO C 85 -13.37 1.25 13.60
C PRO C 85 -13.11 -0.01 12.80
N THR C 86 -12.71 0.16 11.55
CA THR C 86 -12.70 -0.95 10.62
C THR C 86 -11.47 -1.81 10.84
N THR C 87 -11.59 -3.07 10.41
CA THR C 87 -10.49 -4.02 10.53
C THR C 87 -10.09 -4.61 9.19
N SER C 88 -10.71 -4.18 8.10
CA SER C 88 -10.40 -4.62 6.75
C SER C 88 -11.10 -3.67 5.78
N GLU C 89 -10.69 -3.74 4.53
CA GLU C 89 -11.33 -2.99 3.46
C GLU C 89 -12.59 -3.72 3.05
N THR C 90 -13.65 -2.97 2.76
CA THR C 90 -14.90 -3.57 2.32
C THR C 90 -14.83 -4.09 0.91
N PRO C 91 -15.83 -4.87 0.48
CA PRO C 91 -16.00 -5.15 -0.94
C PRO C 91 -16.24 -3.87 -1.72
N ARG C 92 -16.11 -3.99 -3.03
CA ARG C 92 -16.22 -2.84 -3.91
C ARG C 92 -17.68 -2.57 -4.24
N VAL C 93 -17.99 -1.30 -4.41
CA VAL C 93 -19.22 -0.85 -5.04
C VAL C 93 -18.86 -0.33 -6.42
N VAL C 94 -19.66 -0.66 -7.42
CA VAL C 94 -19.42 -0.22 -8.79
C VAL C 94 -20.06 1.13 -9.01
N TYR C 95 -19.31 2.06 -9.58
CA TYR C 95 -19.84 3.33 -10.05
C TYR C 95 -19.71 3.29 -11.56
N ASN C 96 -20.85 3.26 -12.25
CA ASN C 96 -20.86 3.08 -13.70
C ASN C 96 -21.75 4.13 -14.36
N SER C 97 -21.96 5.26 -13.71
CA SER C 97 -22.82 6.29 -14.22
C SER C 97 -22.22 7.65 -13.92
N ALA C 98 -22.49 8.61 -14.82
CA ALA C 98 -22.10 9.98 -14.58
C ALA C 98 -23.06 10.70 -13.62
N THR C 99 -24.21 10.08 -13.33
CA THR C 99 -25.17 10.61 -12.36
C THR C 99 -24.66 10.35 -10.95
N ASP C 100 -24.84 11.34 -10.08
CA ASP C 100 -24.44 11.20 -8.69
C ASP C 100 -25.06 9.96 -8.08
N LYS C 101 -24.23 9.23 -7.37
CA LYS C 101 -24.67 8.07 -6.64
C LYS C 101 -24.15 8.23 -5.21
N PRO C 102 -24.97 7.94 -4.21
CA PRO C 102 -24.47 8.04 -2.83
C PRO C 102 -23.33 7.08 -2.58
N TRP C 103 -22.40 7.50 -1.73
CA TRP C 103 -21.45 6.57 -1.15
C TRP C 103 -22.17 5.85 -0.03
N PRO C 104 -22.39 4.54 -0.13
CA PRO C 104 -23.40 3.89 0.73
C PRO C 104 -22.85 3.48 2.09
N VAL C 105 -22.52 4.48 2.92
CA VAL C 105 -21.88 4.26 4.21
C VAL C 105 -22.79 4.80 5.30
N ALA C 106 -22.97 4.04 6.35
CA ALA C 106 -23.63 4.57 7.53
C ALA C 106 -22.95 3.97 8.77
N LEU C 107 -22.73 4.80 9.78
CA LEU C 107 -22.18 4.33 11.04
C LEU C 107 -23.33 4.11 12.02
N TYR C 108 -23.26 3.00 12.71
CA TYR C 108 -24.20 2.67 13.78
C TYR C 108 -23.38 2.61 15.07
N LEU C 109 -23.55 3.62 15.90
CA LEU C 109 -22.71 3.80 17.07
C LEU C 109 -23.63 3.67 18.28
N THR C 110 -23.26 2.80 19.21
CA THR C 110 -24.10 2.66 20.39
C THR C 110 -23.27 2.90 21.64
N PRO C 111 -23.80 3.61 22.64
CA PRO C 111 -22.98 3.94 23.80
C PRO C 111 -22.59 2.68 24.55
N VAL C 112 -21.35 2.68 25.02
CA VAL C 112 -20.87 1.61 25.89
C VAL C 112 -21.41 1.85 27.31
N SER C 113 -21.32 0.79 28.13
CA SER C 113 -21.86 0.86 29.48
C SER C 113 -21.20 1.99 30.27
N SER C 114 -19.92 2.30 29.99
CA SER C 114 -19.28 3.36 30.75
C SER C 114 -19.61 4.77 30.27
N ALA C 115 -20.38 4.91 29.18
CA ALA C 115 -20.66 6.20 28.59
C ALA C 115 -21.66 7.01 29.42
N GLY C 116 -21.46 8.31 29.43
CA GLY C 116 -22.32 9.20 30.18
C GLY C 116 -21.89 10.62 29.92
N GLY C 117 -22.82 11.55 30.20
CA GLY C 117 -22.52 12.95 29.98
C GLY C 117 -22.49 13.29 28.50
N VAL C 118 -21.72 14.33 28.17
CA VAL C 118 -21.61 14.79 26.77
C VAL C 118 -20.60 13.85 26.13
N ALA C 119 -21.11 12.85 25.45
CA ALA C 119 -20.27 11.80 24.91
C ALA C 119 -19.67 12.19 23.58
N ILE C 120 -20.25 13.16 22.88
CA ILE C 120 -19.66 13.72 21.68
C ILE C 120 -19.81 15.22 21.80
N LYS C 121 -18.70 15.94 21.74
CA LYS C 121 -18.71 17.39 21.88
C LYS C 121 -19.01 18.04 20.53
N ALA C 122 -19.81 19.09 20.55
CA ALA C 122 -20.08 19.82 19.32
C ALA C 122 -18.78 20.28 18.69
N GLY C 123 -18.69 20.15 17.37
CA GLY C 123 -17.52 20.56 16.63
C GLY C 123 -16.39 19.57 16.60
N SER C 124 -16.49 18.46 17.32
CA SER C 124 -15.35 17.58 17.40
C SER C 124 -15.32 16.62 16.23
N LEU C 125 -14.12 16.19 15.91
CA LEU C 125 -13.93 15.14 14.94
C LEU C 125 -14.42 13.84 15.54
N ILE C 126 -15.28 13.14 14.81
CA ILE C 126 -15.79 11.87 15.28
C ILE C 126 -15.28 10.69 14.46
N ALA C 127 -14.88 10.91 13.20
CA ALA C 127 -14.45 9.80 12.38
C ALA C 127 -13.67 10.33 11.21
N VAL C 128 -12.79 9.48 10.68
CA VAL C 128 -12.17 9.71 9.40
C VAL C 128 -12.46 8.45 8.58
N LEU C 129 -13.11 8.63 7.44
CA LEU C 129 -13.49 7.52 6.58
C LEU C 129 -12.78 7.69 5.25
N ILE C 130 -12.10 6.66 4.80
CA ILE C 130 -11.38 6.72 3.55
C ILE C 130 -12.13 5.93 2.49
N LEU C 131 -12.55 6.64 1.46
CA LEU C 131 -13.07 6.04 0.25
C LEU C 131 -11.87 5.82 -0.70
N ARG C 132 -11.71 4.59 -1.16
CA ARG C 132 -10.65 4.25 -2.09
C ARG C 132 -11.28 3.94 -3.43
N GLN C 133 -10.80 4.61 -4.47
CA GLN C 133 -11.34 4.46 -5.81
C GLN C 133 -10.27 3.93 -6.73
N THR C 134 -10.59 2.84 -7.40
CA THR C 134 -9.80 2.25 -8.47
C THR C 134 -10.72 2.08 -9.67
N ASN C 135 -10.20 1.49 -10.75
CA ASN C 135 -11.02 1.27 -11.93
C ASN C 135 -10.51 0.04 -12.66
N ASN C 136 -11.12 -0.23 -13.82
CA ASN C 136 -10.69 -1.35 -14.64
C ASN C 136 -9.92 -0.89 -15.86
N TYR C 137 -9.33 0.29 -15.82
CA TYR C 137 -8.80 0.93 -17.01
C TYR C 137 -7.34 1.27 -16.91
N ASN C 138 -6.91 1.80 -15.77
CA ASN C 138 -5.53 2.17 -15.58
C ASN C 138 -5.19 1.76 -14.13
N SER C 139 -4.10 2.29 -13.62
CA SER C 139 -3.64 1.89 -12.31
C SER C 139 -4.03 2.90 -11.24
N ASP C 140 -4.95 3.81 -11.53
CA ASP C 140 -5.33 4.81 -10.56
C ASP C 140 -5.78 4.15 -9.28
N ASP C 141 -5.34 4.73 -8.18
CA ASP C 141 -5.69 4.19 -6.86
C ASP C 141 -5.68 5.41 -5.94
N PHE C 142 -6.85 5.99 -5.73
CA PHE C 142 -6.96 7.29 -5.11
C PHE C 142 -7.76 7.21 -3.82
N GLN C 143 -7.35 8.00 -2.84
CA GLN C 143 -8.05 8.07 -1.56
C GLN C 143 -8.82 9.38 -1.49
N PHE C 144 -10.09 9.26 -1.15
CA PHE C 144 -10.97 10.38 -0.90
C PHE C 144 -11.24 10.31 0.59
N VAL C 145 -10.65 11.23 1.35
CA VAL C 145 -10.60 11.16 2.81
C VAL C 145 -11.66 12.10 3.37
N TRP C 146 -12.60 11.55 4.11
CA TRP C 146 -13.72 12.32 4.63
C TRP C 146 -13.55 12.46 6.13
N ASN C 147 -13.35 13.67 6.60
CA ASN C 147 -13.22 13.94 8.02
C ASN C 147 -14.59 14.35 8.54
N ILE C 148 -15.13 13.56 9.44
CA ILE C 148 -16.51 13.71 9.89
C ILE C 148 -16.51 14.44 11.23
N TYR C 149 -17.22 15.57 11.28
CA TYR C 149 -17.32 16.40 12.48
C TYR C 149 -18.76 16.46 12.96
N ALA C 150 -18.93 16.46 14.28
CA ALA C 150 -20.24 16.63 14.87
C ALA C 150 -20.63 18.10 14.85
N ASN C 151 -21.88 18.38 14.48
CA ASN C 151 -22.40 19.75 14.56
C ASN C 151 -22.94 20.10 15.92
N ASN C 152 -23.17 19.11 16.76
CA ASN C 152 -23.82 19.36 18.03
C ASN C 152 -23.36 18.33 19.06
N ASP C 153 -23.57 18.67 20.33
CA ASP C 153 -23.29 17.79 21.46
C ASP C 153 -24.26 16.61 21.41
N VAL C 154 -23.78 15.45 21.84
CA VAL C 154 -24.62 14.29 22.05
C VAL C 154 -24.46 13.87 23.50
N VAL C 155 -25.58 13.76 24.21
CA VAL C 155 -25.61 13.36 25.61
C VAL C 155 -26.07 11.91 25.69
N VAL C 156 -25.40 11.13 26.52
CA VAL C 156 -25.82 9.79 26.87
C VAL C 156 -26.37 9.86 28.29
N PRO C 157 -27.68 9.77 28.49
CA PRO C 157 -28.25 9.85 29.84
C PRO C 157 -27.80 8.70 30.69
N THR C 158 -27.97 8.86 31.99
CA THR C 158 -27.57 7.81 32.94
C THR C 158 -28.80 7.19 33.61
N PHE D 1 -11.78 18.11 -18.73
CA PHE D 1 -12.28 19.48 -19.06
C PHE D 1 -13.78 19.50 -18.88
N ALA D 2 -14.25 20.47 -18.11
CA ALA D 2 -15.67 20.59 -17.86
C ALA D 2 -15.94 22.05 -17.57
N CYS D 3 -17.21 22.41 -17.66
CA CYS D 3 -17.60 23.81 -17.58
C CYS D 3 -18.86 23.95 -16.78
N LYS D 4 -19.14 25.18 -16.35
CA LYS D 4 -20.37 25.43 -15.63
C LYS D 4 -20.82 26.87 -15.88
N THR D 5 -22.08 27.12 -15.52
CA THR D 5 -22.57 28.49 -15.52
C THR D 5 -22.42 29.08 -14.12
N ALA D 6 -22.69 30.39 -14.01
CA ALA D 6 -22.53 31.09 -12.74
C ALA D 6 -23.48 30.57 -11.66
N ASN D 7 -24.56 29.91 -12.04
CA ASN D 7 -25.44 29.34 -11.02
C ASN D 7 -25.13 27.87 -10.74
N GLY D 8 -24.03 27.35 -11.30
CA GLY D 8 -23.58 26.01 -11.01
C GLY D 8 -24.07 24.94 -11.96
N THR D 9 -24.87 25.29 -12.97
CA THR D 9 -25.27 24.29 -13.96
C THR D 9 -24.05 23.87 -14.75
N ALA D 10 -23.83 22.55 -14.83
CA ALA D 10 -22.57 22.05 -15.35
C ALA D 10 -22.78 21.30 -16.64
N ILE D 11 -21.74 21.30 -17.45
CA ILE D 11 -21.63 20.43 -18.61
C ILE D 11 -20.38 19.61 -18.33
N PRO D 12 -20.50 18.29 -18.22
CA PRO D 12 -19.37 17.47 -17.76
C PRO D 12 -18.40 17.15 -18.88
N ILE D 13 -17.31 16.49 -18.49
CA ILE D 13 -16.35 15.88 -19.39
C ILE D 13 -17.10 15.23 -20.53
N GLY D 14 -16.68 15.53 -21.77
CA GLY D 14 -17.31 14.96 -22.94
C GLY D 14 -18.31 15.88 -23.59
N GLY D 15 -18.63 16.98 -22.95
CA GLY D 15 -19.52 17.97 -23.55
C GLY D 15 -20.99 17.70 -23.26
N GLY D 16 -21.82 18.50 -23.92
CA GLY D 16 -23.25 18.53 -23.69
C GLY D 16 -23.75 19.95 -23.86
N SER D 17 -24.82 20.26 -23.15
CA SER D 17 -25.45 21.56 -23.34
C SER D 17 -26.00 22.09 -22.02
N ALA D 18 -26.10 23.40 -21.94
CA ALA D 18 -26.64 24.03 -20.76
C ALA D 18 -27.23 25.38 -21.15
N ASN D 19 -28.18 25.83 -20.36
CA ASN D 19 -28.77 27.12 -20.55
C ASN D 19 -28.07 28.14 -19.70
N VAL D 20 -27.93 29.35 -20.24
CA VAL D 20 -27.34 30.50 -19.60
C VAL D 20 -28.37 31.62 -19.65
N TYR D 21 -28.61 32.25 -18.51
CA TYR D 21 -29.64 33.27 -18.39
C TYR D 21 -28.96 34.58 -18.05
N VAL D 22 -29.13 35.59 -18.91
CA VAL D 22 -28.37 36.83 -18.81
C VAL D 22 -29.28 38.03 -18.66
N ASN D 23 -28.88 38.95 -17.79
CA ASN D 23 -29.52 40.25 -17.71
C ASN D 23 -28.99 41.13 -18.82
N LEU D 24 -29.87 41.91 -19.38
CA LEU D 24 -29.54 42.76 -20.52
C LEU D 24 -29.97 44.19 -20.25
N ALA D 25 -29.21 45.13 -20.78
CA ALA D 25 -29.61 46.52 -20.70
C ALA D 25 -31.02 46.66 -21.24
N PRO D 26 -31.92 47.33 -20.53
CA PRO D 26 -33.33 47.31 -20.95
C PRO D 26 -33.66 48.23 -22.09
N VAL D 27 -32.83 49.22 -22.38
CA VAL D 27 -33.08 50.15 -23.47
C VAL D 27 -31.79 50.34 -24.22
N VAL D 28 -31.83 50.12 -25.54
CA VAL D 28 -30.66 50.29 -26.40
C VAL D 28 -31.15 51.04 -27.63
N ASN D 29 -30.61 52.22 -27.84
CA ASN D 29 -31.00 52.98 -29.00
C ASN D 29 -30.23 52.49 -30.22
N VAL D 30 -30.81 52.76 -31.40
CA VAL D 30 -30.04 52.56 -32.61
C VAL D 30 -28.78 53.38 -32.51
N GLY D 31 -27.65 52.75 -32.85
CA GLY D 31 -26.36 53.38 -32.71
C GLY D 31 -25.63 53.06 -31.42
N GLN D 32 -26.29 52.41 -30.48
CA GLN D 32 -25.65 52.01 -29.23
C GLN D 32 -25.45 50.50 -29.24
N ASN D 33 -24.55 50.04 -28.37
CA ASN D 33 -24.28 48.61 -28.23
C ASN D 33 -24.98 48.02 -27.01
N LEU D 34 -25.54 46.83 -27.21
CA LEU D 34 -25.98 45.95 -26.15
C LEU D 34 -24.86 44.95 -25.93
N VAL D 35 -24.34 44.91 -24.73
CA VAL D 35 -23.23 44.02 -24.41
C VAL D 35 -23.78 42.80 -23.69
N VAL D 36 -23.45 41.63 -24.20
CA VAL D 36 -23.81 40.38 -23.56
C VAL D 36 -22.50 39.71 -23.15
N ASP D 37 -22.11 39.87 -21.89
CA ASP D 37 -20.81 39.41 -21.41
C ASP D 37 -20.99 38.02 -20.82
N LEU D 38 -20.60 37.01 -21.56
CA LEU D 38 -20.72 35.66 -21.05
C LEU D 38 -19.54 35.28 -20.18
N SER D 39 -18.50 36.11 -20.11
CA SER D 39 -17.35 35.74 -19.31
C SER D 39 -17.68 35.77 -17.83
N THR D 40 -18.80 36.36 -17.43
CA THR D 40 -19.21 36.31 -16.03
C THR D 40 -20.21 35.20 -15.79
N GLN D 41 -20.54 34.44 -16.83
CA GLN D 41 -21.60 33.45 -16.77
C GLN D 41 -21.15 32.06 -17.09
N ILE D 42 -20.02 31.88 -17.77
CA ILE D 42 -19.55 30.57 -18.19
C ILE D 42 -18.11 30.43 -17.75
N PHE D 43 -17.81 29.31 -17.09
CA PHE D 43 -16.52 29.05 -16.51
C PHE D 43 -16.11 27.61 -16.85
N CYS D 44 -14.83 27.40 -17.05
CA CYS D 44 -14.35 26.05 -17.37
C CYS D 44 -13.00 25.83 -16.72
N HIS D 45 -12.61 24.55 -16.68
CA HIS D 45 -11.29 24.21 -16.16
C HIS D 45 -10.83 22.90 -16.80
N ASN D 46 -9.53 22.65 -16.63
CA ASN D 46 -8.83 21.45 -17.11
C ASN D 46 -8.74 20.47 -15.95
N ASP D 47 -9.08 19.22 -16.20
CA ASP D 47 -9.15 18.21 -15.13
C ASP D 47 -7.86 17.45 -14.89
N TYR D 48 -6.83 17.68 -15.69
CA TYR D 48 -5.57 16.98 -15.51
C TYR D 48 -4.44 17.92 -15.93
N PRO D 49 -4.33 19.09 -15.31
CA PRO D 49 -3.44 20.13 -15.85
C PRO D 49 -1.96 19.83 -15.81
N GLU D 50 -1.51 18.93 -14.96
CA GLU D 50 -0.08 18.62 -14.92
C GLU D 50 0.34 17.78 -16.13
N THR D 51 -0.60 17.15 -16.81
CA THR D 51 -0.30 16.28 -17.94
C THR D 51 -0.92 16.70 -19.26
N ILE D 52 -2.13 17.28 -19.23
CA ILE D 52 -2.90 17.57 -20.42
C ILE D 52 -3.07 19.07 -20.53
N THR D 53 -2.93 19.58 -21.75
CA THR D 53 -3.29 20.95 -22.06
C THR D 53 -4.56 20.93 -22.90
N ASP D 54 -5.54 21.73 -22.49
CA ASP D 54 -6.81 21.84 -23.17
C ASP D 54 -6.82 23.07 -24.07
N TYR D 55 -7.42 22.90 -25.24
CA TYR D 55 -7.52 23.95 -26.25
C TYR D 55 -9.00 24.20 -26.53
N VAL D 56 -9.40 25.47 -26.48
CA VAL D 56 -10.81 25.83 -26.46
C VAL D 56 -11.06 26.94 -27.46
N THR D 57 -12.01 26.71 -28.36
CA THR D 57 -12.40 27.71 -29.33
C THR D 57 -13.89 28.00 -29.23
N LEU D 58 -14.28 29.15 -29.78
CA LEU D 58 -15.68 29.37 -30.12
C LEU D 58 -15.86 28.80 -31.51
N GLN D 59 -16.47 27.62 -31.60
CA GLN D 59 -16.62 26.96 -32.90
C GLN D 59 -17.68 27.64 -33.75
N ARG D 60 -18.79 28.03 -33.14
CA ARG D 60 -19.89 28.66 -33.84
C ARG D 60 -20.67 29.50 -32.85
N GLY D 61 -21.17 30.62 -33.33
CA GLY D 61 -22.07 31.44 -32.56
C GLY D 61 -23.22 31.83 -33.48
N SER D 62 -24.43 31.52 -33.05
CA SER D 62 -25.63 31.75 -33.84
C SER D 62 -26.59 32.62 -33.07
N ALA D 63 -27.31 33.47 -33.80
CA ALA D 63 -28.31 34.35 -33.22
C ALA D 63 -29.70 33.77 -33.42
N TYR D 64 -30.57 34.09 -32.47
CA TYR D 64 -31.94 33.63 -32.49
C TYR D 64 -32.88 34.75 -32.04
N GLY D 65 -34.14 34.55 -32.36
CA GLY D 65 -35.19 35.40 -31.84
C GLY D 65 -34.96 36.85 -32.17
N GLY D 66 -35.09 37.68 -31.15
CA GLY D 66 -34.97 39.11 -31.35
C GLY D 66 -33.57 39.55 -31.73
N VAL D 67 -32.55 38.81 -31.32
CA VAL D 67 -31.20 39.18 -31.71
C VAL D 67 -31.03 38.95 -33.20
N LEU D 68 -31.51 37.82 -33.68
CA LEU D 68 -31.43 37.51 -35.10
C LEU D 68 -32.18 38.53 -35.95
N SER D 69 -33.35 38.93 -35.50
CA SER D 69 -34.18 39.81 -36.31
C SER D 69 -33.84 41.29 -36.16
N ASN D 70 -33.36 41.72 -34.98
CA ASN D 70 -33.30 43.15 -34.68
C ASN D 70 -31.90 43.70 -34.44
N PHE D 71 -30.86 42.88 -34.50
CA PHE D 71 -29.52 43.32 -34.16
C PHE D 71 -28.51 42.81 -35.18
N SER D 72 -27.42 43.56 -35.31
CA SER D 72 -26.18 43.12 -35.95
C SER D 72 -25.07 43.17 -34.90
N GLY D 73 -23.95 42.50 -35.15
CA GLY D 73 -23.00 42.54 -34.06
C GLY D 73 -21.71 41.82 -34.33
N THR D 74 -20.91 41.78 -33.28
CA THR D 74 -19.65 41.08 -33.27
C THR D 74 -19.58 40.29 -31.98
N VAL D 75 -18.67 39.33 -31.97
CA VAL D 75 -18.32 38.58 -30.79
C VAL D 75 -16.85 38.81 -30.51
N LYS D 76 -16.54 39.08 -29.26
CA LYS D 76 -15.18 39.21 -28.82
C LYS D 76 -14.81 37.94 -28.08
N TYR D 77 -13.72 37.32 -28.51
CA TYR D 77 -13.24 36.08 -27.90
C TYR D 77 -11.79 36.32 -27.51
N SER D 78 -11.51 36.32 -26.22
CA SER D 78 -10.15 36.48 -25.70
C SER D 78 -9.46 37.68 -26.35
N GLY D 79 -10.17 38.80 -26.39
CA GLY D 79 -9.59 40.05 -26.82
C GLY D 79 -9.75 40.39 -28.29
N SER D 80 -10.07 39.42 -29.14
CA SER D 80 -10.19 39.65 -30.57
C SER D 80 -11.67 39.62 -30.98
N SER D 81 -12.02 40.42 -31.99
CA SER D 81 -13.39 40.60 -32.42
C SER D 81 -13.62 39.92 -33.75
N TYR D 82 -14.79 39.29 -33.89
CA TYR D 82 -15.19 38.55 -35.06
C TYR D 82 -16.65 38.85 -35.36
N PRO D 83 -17.10 38.64 -36.59
CA PRO D 83 -18.52 38.81 -36.87
C PRO D 83 -19.37 37.88 -36.02
N PHE D 84 -20.56 38.35 -35.66
CA PHE D 84 -21.58 37.53 -35.00
C PHE D 84 -22.92 37.81 -35.68
N PRO D 85 -23.64 36.77 -36.16
CA PRO D 85 -23.33 35.34 -36.16
C PRO D 85 -21.98 35.03 -36.81
N THR D 86 -21.34 33.95 -36.37
CA THR D 86 -19.97 33.71 -36.73
C THR D 86 -19.87 33.12 -38.12
N THR D 87 -18.70 33.30 -38.72
CA THR D 87 -18.44 32.77 -40.05
C THR D 87 -17.22 31.87 -40.09
N SER D 88 -16.59 31.60 -38.96
CA SER D 88 -15.47 30.69 -38.86
C SER D 88 -15.25 30.38 -37.39
N GLU D 89 -14.43 29.38 -37.15
CA GLU D 89 -14.01 29.03 -35.80
C GLU D 89 -12.90 29.98 -35.36
N THR D 90 -12.91 30.38 -34.11
CA THR D 90 -11.90 31.29 -33.57
C THR D 90 -10.59 30.57 -33.32
N PRO D 91 -9.52 31.32 -33.08
CA PRO D 91 -8.30 30.74 -32.51
C PRO D 91 -8.57 30.15 -31.13
N ARG D 92 -7.62 29.35 -30.68
CA ARG D 92 -7.80 28.61 -29.43
C ARG D 92 -7.34 29.42 -28.22
N VAL D 93 -7.98 29.15 -27.10
CA VAL D 93 -7.52 29.59 -25.79
C VAL D 93 -7.05 28.34 -25.05
N VAL D 94 -5.94 28.46 -24.34
CA VAL D 94 -5.37 27.36 -23.56
C VAL D 94 -5.99 27.37 -22.17
N TYR D 95 -6.45 26.20 -21.73
CA TYR D 95 -6.88 25.99 -20.34
C TYR D 95 -5.89 25.03 -19.72
N ASN D 96 -5.16 25.50 -18.71
CA ASN D 96 -4.03 24.75 -18.15
C ASN D 96 -4.08 24.70 -16.62
N SER D 97 -5.25 24.87 -16.05
CA SER D 97 -5.44 24.94 -14.62
C SER D 97 -6.74 24.25 -14.27
N ALA D 98 -6.77 23.69 -13.06
CA ALA D 98 -7.98 23.12 -12.51
C ALA D 98 -8.88 24.18 -11.90
N THR D 99 -8.42 25.42 -11.81
CA THR D 99 -9.26 26.52 -11.32
C THR D 99 -10.29 26.85 -12.37
N ASP D 100 -11.57 26.87 -11.99
CA ASP D 100 -12.58 27.38 -12.92
C ASP D 100 -12.29 28.85 -13.22
N LYS D 101 -12.22 29.16 -14.50
CA LYS D 101 -11.92 30.50 -14.97
C LYS D 101 -12.92 30.86 -16.06
N PRO D 102 -13.05 32.13 -16.36
CA PRO D 102 -14.04 32.53 -17.37
C PRO D 102 -13.76 31.96 -18.75
N TRP D 103 -14.83 31.69 -19.48
CA TRP D 103 -14.76 31.53 -20.92
C TRP D 103 -14.88 32.94 -21.51
N PRO D 104 -13.85 33.47 -22.17
CA PRO D 104 -13.79 34.93 -22.45
C PRO D 104 -14.53 35.34 -23.73
N VAL D 105 -15.85 35.26 -23.66
CA VAL D 105 -16.73 35.54 -24.78
C VAL D 105 -17.66 36.68 -24.38
N ALA D 106 -17.84 37.65 -25.27
CA ALA D 106 -18.84 38.69 -25.09
C ALA D 106 -19.40 39.03 -26.45
N LEU D 107 -20.72 39.27 -26.51
CA LEU D 107 -21.39 39.72 -27.71
C LEU D 107 -21.59 41.22 -27.64
N TYR D 108 -21.31 41.88 -28.75
CA TYR D 108 -21.55 43.32 -28.88
C TYR D 108 -22.58 43.48 -30.00
N LEU D 109 -23.80 43.82 -29.64
CA LEU D 109 -24.93 43.83 -30.55
C LEU D 109 -25.45 45.25 -30.67
N THR D 110 -25.72 45.67 -31.89
CA THR D 110 -26.28 47.00 -32.09
C THR D 110 -27.56 46.88 -32.90
N PRO D 111 -28.60 47.66 -32.61
CA PRO D 111 -29.87 47.48 -33.32
C PRO D 111 -29.75 47.81 -34.80
N VAL D 112 -30.51 47.07 -35.61
CA VAL D 112 -30.68 47.48 -37.00
C VAL D 112 -31.63 48.67 -37.05
N SER D 113 -31.58 49.40 -38.17
CA SER D 113 -32.35 50.65 -38.25
C SER D 113 -33.84 50.44 -38.12
N SER D 114 -34.34 49.30 -38.60
CA SER D 114 -35.77 49.05 -38.56
C SER D 114 -36.26 48.56 -37.20
N ALA D 115 -35.37 48.39 -36.23
CA ALA D 115 -35.79 47.89 -34.94
C ALA D 115 -36.54 48.98 -34.19
N GLY D 116 -37.52 48.56 -33.39
CA GLY D 116 -38.30 49.49 -32.59
C GLY D 116 -39.18 48.71 -31.64
N GLY D 117 -39.48 49.25 -30.46
CA GLY D 117 -40.28 48.53 -29.50
C GLY D 117 -39.48 47.42 -28.84
N VAL D 118 -40.18 46.38 -28.38
CA VAL D 118 -39.51 45.26 -27.70
C VAL D 118 -38.74 44.45 -28.74
N ALA D 119 -37.42 44.56 -28.72
CA ALA D 119 -36.57 43.92 -29.70
C ALA D 119 -36.09 42.56 -29.24
N ILE D 120 -36.02 42.34 -27.93
CA ILE D 120 -35.70 41.04 -27.34
C ILE D 120 -36.69 40.84 -26.21
N LYS D 121 -37.42 39.73 -26.27
CA LYS D 121 -38.44 39.44 -25.29
C LYS D 121 -37.81 38.69 -24.11
N ALA D 122 -38.22 39.09 -22.91
CA ALA D 122 -37.80 38.35 -21.73
C ALA D 122 -38.11 36.88 -21.88
N GLY D 123 -37.17 36.04 -21.42
CA GLY D 123 -37.30 34.60 -21.43
C GLY D 123 -36.93 33.93 -22.74
N SER D 124 -36.62 34.70 -23.77
CA SER D 124 -36.42 34.15 -25.09
C SER D 124 -34.97 33.74 -25.32
N LEU D 125 -34.80 32.76 -26.21
CA LEU D 125 -33.48 32.37 -26.68
C LEU D 125 -32.92 33.46 -27.59
N ILE D 126 -31.70 33.90 -27.30
CA ILE D 126 -31.06 34.93 -28.08
C ILE D 126 -29.84 34.43 -28.86
N ALA D 127 -29.20 33.35 -28.42
CA ALA D 127 -27.98 32.91 -29.08
C ALA D 127 -27.71 31.49 -28.63
N VAL D 128 -26.99 30.77 -29.47
CA VAL D 128 -26.39 29.50 -29.11
C VAL D 128 -24.92 29.63 -29.44
N LEU D 129 -24.07 29.39 -28.46
CA LEU D 129 -22.62 29.46 -28.63
C LEU D 129 -22.04 28.07 -28.41
N ILE D 130 -21.21 27.62 -29.34
CA ILE D 130 -20.60 26.30 -29.24
C ILE D 130 -19.13 26.48 -28.88
N LEU D 131 -18.77 25.99 -27.69
CA LEU D 131 -17.39 25.89 -27.26
C LEU D 131 -16.86 24.53 -27.70
N ARG D 132 -15.75 24.55 -28.41
CA ARG D 132 -15.14 23.31 -28.86
C ARG D 132 -13.85 23.11 -28.09
N GLN D 133 -13.71 21.91 -27.51
CA GLN D 133 -12.57 21.58 -26.68
C GLN D 133 -11.83 20.39 -27.28
N THR D 134 -10.53 20.57 -27.47
CA THR D 134 -9.59 19.52 -27.83
C THR D 134 -8.43 19.58 -26.86
N ASN D 135 -7.42 18.76 -27.07
CA ASN D 135 -6.31 18.74 -26.13
C ASN D 135 -5.07 18.28 -26.88
N ASN D 136 -3.96 18.15 -26.13
CA ASN D 136 -2.71 17.68 -26.69
C ASN D 136 -2.40 16.24 -26.26
N TYR D 137 -3.44 15.49 -25.92
CA TYR D 137 -3.28 14.19 -25.30
C TYR D 137 -3.93 13.06 -26.08
N ASN D 138 -5.14 13.25 -26.57
CA ASN D 138 -5.85 12.21 -27.31
C ASN D 138 -6.61 12.88 -28.46
N SER D 139 -7.60 12.17 -29.00
CA SER D 139 -8.37 12.67 -30.13
C SER D 139 -9.66 13.35 -29.71
N ASP D 140 -9.84 13.65 -28.41
CA ASP D 140 -11.08 14.24 -27.98
C ASP D 140 -11.38 15.53 -28.73
N ASP D 141 -12.63 15.71 -29.10
CA ASP D 141 -13.11 16.87 -29.80
C ASP D 141 -14.56 16.99 -29.37
N PHE D 142 -14.78 17.80 -28.33
CA PHE D 142 -16.07 17.85 -27.68
C PHE D 142 -16.69 19.25 -27.83
N GLN D 143 -18.01 19.26 -27.91
CA GLN D 143 -18.78 20.48 -28.02
C GLN D 143 -19.54 20.73 -26.71
N PHE D 144 -19.41 21.95 -26.20
CA PHE D 144 -20.14 22.45 -25.03
C PHE D 144 -21.05 23.53 -25.55
N VAL D 145 -22.34 23.24 -25.58
CA VAL D 145 -23.33 24.07 -26.27
C VAL D 145 -24.04 24.92 -25.23
N TRP D 146 -23.96 26.25 -25.38
CA TRP D 146 -24.48 27.20 -24.42
C TRP D 146 -25.67 27.90 -25.07
N ASN D 147 -26.84 27.66 -24.54
CA ASN D 147 -28.06 28.28 -25.04
C ASN D 147 -28.32 29.51 -24.20
N ILE D 148 -28.28 30.68 -24.82
CA ILE D 148 -28.31 31.94 -24.11
C ILE D 148 -29.72 32.50 -24.17
N TYR D 149 -30.28 32.77 -22.98
CA TYR D 149 -31.63 33.29 -22.84
C TYR D 149 -31.61 34.66 -22.16
N ALA D 150 -32.48 35.53 -22.62
CA ALA D 150 -32.63 36.84 -22.01
C ALA D 150 -33.48 36.76 -20.74
N ASN D 151 -33.01 37.40 -19.68
CA ASN D 151 -33.77 37.48 -18.44
C ASN D 151 -34.80 38.62 -18.46
N ASN D 152 -34.69 39.55 -19.40
CA ASN D 152 -35.57 40.72 -19.38
C ASN D 152 -35.72 41.24 -20.80
N ASP D 153 -36.76 42.05 -21.00
CA ASP D 153 -36.98 42.68 -22.28
C ASP D 153 -35.87 43.67 -22.59
N VAL D 154 -35.56 43.84 -23.87
CA VAL D 154 -34.74 44.94 -24.36
C VAL D 154 -35.56 45.70 -25.37
N VAL D 155 -35.67 47.01 -25.14
CA VAL D 155 -36.41 47.88 -26.01
C VAL D 155 -35.46 48.75 -26.80
N VAL D 156 -35.76 48.92 -28.08
CA VAL D 156 -35.12 49.87 -28.95
C VAL D 156 -36.14 50.98 -29.18
N PRO D 157 -35.98 52.14 -28.56
CA PRO D 157 -37.00 53.18 -28.65
C PRO D 157 -37.16 53.71 -30.06
N THR D 158 -38.29 54.37 -30.28
CA THR D 158 -38.58 55.05 -31.55
C THR D 158 -38.66 56.56 -31.38
C12 SBQ E . 16.12 -9.38 23.84
C10 SBQ E . 17.27 -11.48 23.56
C4 SBQ E . 21.65 -17.02 24.34
C6 SBQ E . 17.51 -15.70 24.30
C7 SBQ E . 17.84 -15.20 23.05
C2 SBQ E . 20.35 -18.95 25.30
O1 SBQ E . 18.90 -20.75 26.05
C SBQ E . 18.06 -19.28 24.32
O SBQ E . 18.54 -20.14 23.30
C1 SBQ E . 18.92 -19.39 25.59
C11 SBQ E . 16.20 -10.75 24.06
C13 SBQ E . 17.10 -8.74 23.11
C14 SBQ E . 18.17 -9.46 22.60
C15 SBQ E . 19.24 -8.78 21.83
C16 SBQ E . 21.25 -9.06 20.65
C17 SBQ E . 18.26 -10.83 22.84
C18 SBQ E . 17.01 -13.46 25.07
C19 SBQ E . 17.11 -14.82 25.31
C3 SBQ E . 20.30 -17.53 24.73
C5 SBQ E . 18.14 -17.88 23.72
C8 SBQ E . 17.76 -13.82 22.82
C9 SBQ E . 17.37 -12.94 23.82
O2 SBQ E . 21.08 -18.96 26.53
O3 SBQ E . 22.25 -17.85 23.33
O4 SBQ E . 19.49 -17.48 23.53
O5 SBQ E . 17.55 -17.02 24.65
O6 SBQ E . 20.17 -9.62 21.43
O7 SBQ E . 19.27 -7.60 21.62
CL SBQ E . 16.70 -15.44 26.87
H14 SBQ E . 15.28 -8.82 24.24
H8 SBQ E . 21.60 -15.97 24.03
H9 SBQ E . 22.31 -17.01 25.21
H11 SBQ E . 18.17 -15.86 22.26
H2 SBQ E . 20.81 -19.62 24.59
H6 SBQ E . 18.66 -20.71 27.01
H SBQ E . 17.02 -19.54 24.54
H5 SBQ E . 18.25 -21.06 23.52
H1 SBQ E . 18.50 -18.74 26.36
H13 SBQ E . 15.43 -11.24 24.64
H15 SBQ E . 17.03 -7.67 22.93
H18 SBQ E . 21.94 -9.89 20.50
H17 SBQ E . 21.79 -8.25 21.14
H16 SBQ E . 20.85 -8.70 19.70
H19 SBQ E . 19.09 -11.41 22.46
H20 SBQ E . 16.66 -12.79 25.85
H3 SBQ E . 19.91 -16.82 25.48
H4 SBQ E . 17.71 -17.81 22.72
H12 SBQ E . 18.02 -13.43 21.84
H7 SBQ E . 20.63 -18.31 27.13
H10 SBQ E . 23.23 -17.77 23.45
C1 EDO F . 29.54 -32.12 33.47
O1 EDO F . 29.85 -30.91 32.79
C2 EDO F . 30.80 -32.85 33.85
O2 EDO F . 31.50 -32.11 34.86
H11 EDO F . 28.95 -31.90 34.37
H12 EDO F . 28.93 -32.75 32.81
HO1 EDO F . 29.03 -30.45 32.56
H21 EDO F . 30.55 -33.84 34.24
H22 EDO F . 31.44 -32.98 32.98
HO2 EDO F . 32.31 -32.58 35.10
C1 EDO G . 21.55 -21.83 13.43
O1 EDO G . 20.69 -20.68 13.51
C2 EDO G . 23.01 -21.43 13.65
O2 EDO G . 23.36 -20.27 12.88
H11 EDO G . 21.25 -22.56 14.18
H12 EDO G . 21.45 -22.30 12.45
HO1 EDO G . 19.78 -20.96 13.36
H21 EDO G . 23.17 -21.23 14.72
H22 EDO G . 23.66 -22.26 13.38
HO2 EDO G . 24.29 -20.04 13.04
C12 SBQ H . 14.11 -19.38 26.88
C10 SBQ H . 13.86 -18.04 24.87
C4 SBQ H . 10.60 -14.08 20.17
C6 SBQ H . 14.02 -14.28 22.90
C7 SBQ H . 14.33 -15.44 22.20
C2 SBQ H . 11.42 -11.68 20.41
O1 SBQ H . 12.44 -9.51 20.61
C SBQ H . 13.90 -11.43 20.62
O SBQ H . 14.09 -11.31 19.22
C1 SBQ H . 12.56 -10.87 21.04
C11 SBQ H . 14.21 -18.15 26.22
C13 SBQ H . 13.65 -20.49 26.19
C14 SBQ H . 13.27 -20.38 24.85
C15 SBQ H . 12.67 -21.55 24.19
C16 SBQ H . 11.70 -22.40 22.21
C17 SBQ H . 13.38 -19.15 24.21
C18 SBQ H . 13.66 -15.58 24.89
C19 SBQ H . 13.68 -14.37 24.24
C3 SBQ H . 11.60 -13.14 20.81
C5 SBQ H . 13.98 -12.91 20.94
C8 SBQ H . 14.28 -16.65 22.86
C9 SBQ H . 13.96 -16.75 24.20
O2 SBQ H . 10.15 -11.24 20.87
O3 SBQ H . 10.69 -14.07 18.76
O4 SBQ H . 12.88 -13.60 20.37
O5 SBQ H . 13.95 -13.03 22.35
O6 SBQ H . 12.37 -21.33 22.91
O7 SBQ H . 12.43 -22.58 24.77
CL SBQ H . 13.24 -12.94 25.11
H14 SBQ H . 14.38 -19.46 27.93
H8 SBQ H . 10.73 -15.09 20.56
H9 SBQ H . 9.60 -13.79 20.44
H11 SBQ H . 14.60 -15.39 21.15
H2 SBQ H . 11.49 -11.59 19.32
H6 SBQ H . 11.97 -9.03 21.32
H SBQ H . 14.71 -10.89 21.13
H5 SBQ H . 14.50 -10.42 19.04
H1 SBQ H . 12.44 -10.92 22.12
H13 SBQ H . 14.56 -17.28 26.76
H15 SBQ H . 13.59 -21.45 26.71
H18 SBQ H . 11.40 -21.96 21.26
H17 SBQ H . 10.81 -22.78 22.71
H16 SBQ H . 12.41 -23.22 22.07
H19 SBQ H . 13.09 -19.04 23.16
H20 SBQ H . 13.39 -15.62 25.94
H3 SBQ H . 11.49 -13.25 21.88
H4 SBQ H . 14.86 -13.39 20.49
H12 SBQ H . 14.52 -17.56 22.30
H7 SBQ H . 10.12 -11.44 21.85
H10 SBQ H . 9.78 -14.30 18.44
C1 EDO I . 11.51 -23.38 28.31
O1 EDO I . 11.29 -23.55 29.72
C2 EDO I . 10.17 -23.30 27.60
O2 EDO I . 9.48 -22.12 28.04
H11 EDO I . 12.09 -22.46 28.14
H12 EDO I . 12.09 -24.22 27.92
HO1 EDO I . 12.13 -23.61 30.18
H21 EDO I . 10.33 -23.26 26.52
H22 EDO I . 9.57 -24.19 27.83
HO2 EDO I . 8.62 -22.06 27.60
C12 SBQ J . -11.58 10.68 -23.00
C10 SBQ J . -12.00 10.64 -20.62
C4 SBQ J . -13.70 7.63 -14.58
C6 SBQ J . -10.65 9.96 -16.62
C7 SBQ J . -11.72 10.81 -16.85
C2 SBQ J . -11.60 7.42 -13.16
O1 SBQ J . -9.58 7.46 -11.84
C SBQ J . -10.18 9.47 -13.04
O SBQ J . -10.80 9.99 -11.89
C1 SBQ J . -10.19 7.96 -13.04
C11 SBQ J . -11.12 10.59 -21.70
C13 SBQ J . -12.93 10.81 -23.25
C14 SBQ J . -13.83 10.88 -22.20
C15 SBQ J . -15.30 10.98 -22.44
C16 SBQ J . -17.42 11.05 -21.41
C17 SBQ J . -13.36 10.78 -20.88
C18 SBQ J . -10.44 9.58 -18.99
C19 SBQ J . -10.02 9.34 -17.70
C3 SBQ J . -12.25 8.00 -14.42
C5 SBQ J . -10.93 10.00 -14.25
C8 SBQ J . -12.13 11.05 -18.15
C9 SBQ J . -11.52 10.43 -19.24
O2 SBQ J . -11.55 6.00 -13.24
O3 SBQ J . -14.47 8.02 -13.42
O4 SBQ J . -12.21 9.43 -14.34
O5 SBQ J . -10.15 9.67 -15.38
O6 SBQ J . -15.98 11.06 -21.31
O7 SBQ J . -15.81 10.91 -23.52
CL SBQ J . -8.74 8.19 -17.45
H14 SBQ J . -10.88 10.64 -23.84
H8 SBQ J . -14.10 8.06 -15.50
H9 SBQ J . -13.79 6.56 -14.70
H11 SBQ J . -12.22 11.30 -16.01
H2 SBQ J . -12.18 7.72 -12.28
H6 SBQ J . -9.02 6.69 -12.11
H SBQ J . -9.14 9.83 -13.07
H5 SBQ J . -10.11 10.00 -11.16
H1 SBQ J . -9.62 7.59 -13.89
H13 SBQ J . -10.05 10.47 -21.50
H15 SBQ J . -13.28 10.88 -24.28
H18 SBQ J . -17.76 11.21 -20.39
H17 SBQ J . -17.84 10.10 -21.75
H16 SBQ J . -17.73 11.85 -22.08
H19 SBQ J . -14.04 10.81 -20.04
H20 SBQ J . -9.94 9.09 -19.83
H3 SBQ J . -11.74 7.64 -15.31
H4 SBQ J . -11.12 11.07 -14.18
H12 SBQ J . -12.96 11.74 -18.31
H7 SBQ J . -11.09 5.80 -14.10
H10 SBQ J . -15.23 7.39 -13.37
C12 SBQ K . -5.99 9.96 -13.84
C10 SBQ K . -6.97 11.76 -15.09
C4 SBQ K . -8.19 17.45 -19.21
C6 SBQ K . -9.24 13.21 -18.42
C7 SBQ K . -9.51 13.67 -17.14
C2 SBQ K . -9.51 16.67 -21.24
O1 SBQ K . -10.92 15.79 -23.00
C SBQ K . -11.34 15.03 -20.78
O SBQ K . -12.28 16.07 -20.56
C1 SBQ K . -10.28 15.47 -21.78
C11 SBQ K . -6.68 10.41 -14.95
C13 SBQ K . -5.59 10.85 -12.85
C14 SBQ K . -5.87 12.19 -12.97
C15 SBQ K . -5.38 13.16 -11.97
C16 SBQ K . -5.36 15.41 -11.27
C17 SBQ K . -6.57 12.65 -14.09
C18 SBQ K . -7.52 11.77 -17.53
C19 SBQ K . -8.25 12.26 -18.60
C3 SBQ K . -8.90 16.30 -19.89
C5 SBQ K . -10.72 14.78 -19.43
C8 SBQ K . -8.77 13.19 -16.07
C9 SBQ K . -7.76 12.25 -16.24
O2 SBQ K . -8.48 17.03 -22.14
O3 SBQ K . -9.12 18.52 -18.96
O4 SBQ K . -9.94 15.88 -19.01
O5 SBQ K . -9.87 13.65 -19.56
O6 SBQ K . -5.77 14.41 -12.22
O7 SBQ K . -4.67 12.86 -11.03
CL SBQ K . -7.86 11.72 -20.21
H14 SBQ K . -5.76 8.90 -13.73
H8 SBQ K . -7.70 17.12 -18.30
H9 SBQ K . -7.41 17.81 -19.86
H11 SBQ K . -10.30 14.40 -16.98
H2 SBQ K . -10.19 17.50 -21.10
H6 SBQ K . -10.33 15.42 -23.72
H SBQ K . -11.86 14.13 -21.13
H5 SBQ K . -13.09 15.86 -21.12
H1 SBQ K . -9.58 14.66 -21.93
H13 SBQ K . -6.98 9.70 -15.73
H15 SBQ K . -5.04 10.48 -11.99
H18 SBQ K . -5.64 16.35 -11.73
H17 SBQ K . -4.29 15.43 -11.07
H16 SBQ K . -5.90 15.25 -10.34
H19 SBQ K . -6.81 13.70 -14.22
H20 SBQ K . -6.74 11.03 -17.70
H3 SBQ K . -8.16 15.51 -20.02
H4 SBQ K . -11.46 14.66 -18.63
H12 SBQ K . -8.98 13.57 -15.08
H7 SBQ K . -7.87 16.25 -22.20
H10 SBQ K . -8.58 19.36 -19.00
C1 EDO L . -17.16 23.12 -13.74
O1 EDO L . -16.43 23.03 -12.51
C2 EDO L . -17.54 21.73 -14.24
O2 EDO L . -18.14 20.94 -13.22
H11 EDO L . -18.07 23.72 -13.59
H12 EDO L . -16.54 23.63 -14.49
HO1 EDO L . -16.20 23.92 -12.21
H21 EDO L . -18.24 21.83 -15.08
H22 EDO L . -16.64 21.22 -14.61
HO2 EDO L . -18.37 20.07 -13.57
#